data_3K4Q
#
_entry.id   3K4Q
#
_cell.length_a   70.699
_cell.length_b   87.571
_cell.length_c   81.765
_cell.angle_alpha   90.00
_cell.angle_beta   110.61
_cell.angle_gamma   90.00
#
_symmetry.space_group_name_H-M   'P 1 21 1'
#
loop_
_entity.id
_entity.type
_entity.pdbx_description
1 polymer '3-phytase A'
2 non-polymer D-MYO-INOSITOL-HEXASULPHATE
3 non-polymer 2-acetamido-2-deoxy-beta-D-glucopyranose
4 water water
#
_entity_poly.entity_id   1
_entity_poly.type   'polypeptide(L)'
_entity_poly.pdbx_seq_one_letter_code
;ASRNQSSCDTVDQGYQCFSETSHLWGQYAPFFSLANESVISPEVPAGCRVTFAQVLSRHGARYPTDSKGKKYSALIEEIQ
QNATTFDGKYAFLKTYNYSLGADDLTPFGEQELVNSGIKFYQRYESLTRNIVPFIRSSGSSRVIASGKKFIEGFQSTKLK
DPRAQPGQSSPKIDVVISEASSSNNTLDPGTCTVFEDSELADTVEANFTATFVPSIRQRLENDLSGVTLTDTEVTYLMDM
CSFDTISTSTVDTKLSPFCDLFTHDEWINYDYLQSLKKYYGHGAGNPLGPTQGVGYANELIARLTHSPVHDDTSSNHTLD
SSPATFPLNSTLYADFSHDNGIISILFALGLYNGTKPLSTTTVENITQTDGFSSAWTVPFASRLYVEMMQCQAEQEPLVR
VLVNDRVVPLHGCPVDALGRCTRDSFVRGLSFARSGGDWAECFA
;
_entity_poly.pdbx_strand_id   A,B
#
# COMPACT_ATOMS: atom_id res chain seq x y z
N SER A 7 3.66 12.03 3.48
CA SER A 7 3.80 10.57 3.84
C SER A 7 3.75 9.57 2.68
N CYS A 8 2.86 9.74 1.69
CA CYS A 8 2.84 8.81 0.53
C CYS A 8 3.91 9.23 -0.52
N ASP A 9 4.48 10.40 -0.33
CA ASP A 9 5.47 10.95 -1.22
C ASP A 9 6.72 11.27 -0.38
N THR A 10 7.81 10.54 -0.60
CA THR A 10 9.03 10.68 0.19
C THR A 10 10.33 10.74 -0.65
N VAL A 11 11.43 11.14 -0.02
CA VAL A 11 12.70 11.11 -0.72
C VAL A 11 12.99 9.66 -1.12
N ASP A 12 12.69 8.72 -0.23
CA ASP A 12 13.26 7.42 -0.40
C ASP A 12 12.42 6.49 -1.27
N GLN A 13 11.10 6.61 -1.14
CA GLN A 13 10.16 5.72 -1.82
C GLN A 13 9.49 6.42 -3.01
N GLY A 14 9.71 7.73 -3.15
CA GLY A 14 9.22 8.49 -4.28
C GLY A 14 7.73 8.69 -4.10
N TYR A 15 6.98 8.65 -5.22
CA TYR A 15 5.59 9.00 -5.23
C TYR A 15 4.70 7.77 -5.15
N GLN A 16 4.28 7.42 -3.94
CA GLN A 16 3.47 6.23 -3.68
C GLN A 16 2.01 6.65 -3.41
N CYS A 17 1.64 7.85 -3.81
CA CYS A 17 0.29 8.29 -3.63
C CYS A 17 -0.56 7.74 -4.79
N PHE A 18 -1.78 7.29 -4.48
CA PHE A 18 -2.79 6.86 -5.46
C PHE A 18 -2.18 5.94 -6.45
N SER A 19 -1.37 5.02 -5.95
CA SER A 19 -0.41 4.29 -6.79
C SER A 19 -1.11 3.37 -7.81
N GLU A 20 -2.36 2.99 -7.50
CA GLU A 20 -3.23 2.19 -8.38
C GLU A 20 -3.54 2.91 -9.71
N THR A 21 -3.36 4.24 -9.74
CA THR A 21 -3.58 5.04 -10.94
C THR A 21 -2.23 5.65 -11.37
N SER A 22 -1.52 6.28 -10.43
CA SER A 22 -0.39 7.12 -10.76
C SER A 22 0.75 6.25 -11.31
N HIS A 23 0.84 5.02 -10.84
CA HIS A 23 1.85 4.09 -11.34
C HIS A 23 1.61 3.51 -12.75
N LEU A 24 0.47 3.83 -13.36
CA LEU A 24 0.19 3.34 -14.70
C LEU A 24 0.19 4.51 -15.68
N TRP A 25 0.98 5.55 -15.44
CA TRP A 25 0.99 6.62 -16.42
C TRP A 25 2.22 6.51 -17.31
N GLY A 26 2.89 5.38 -17.27
CA GLY A 26 4.09 5.21 -18.07
C GLY A 26 5.18 6.22 -17.73
N GLN A 27 5.77 6.79 -18.78
CA GLN A 27 6.81 7.81 -18.67
C GLN A 27 6.24 9.14 -18.14
N TYR A 28 4.91 9.19 -17.95
CA TYR A 28 4.29 10.28 -17.20
C TYR A 28 4.05 9.95 -15.72
N ALA A 29 4.51 8.80 -15.26
CA ALA A 29 4.46 8.46 -13.83
C ALA A 29 5.56 9.23 -13.11
N PRO A 30 5.21 9.81 -11.98
CA PRO A 30 6.27 10.42 -11.10
C PRO A 30 7.14 9.27 -10.58
N PHE A 31 8.46 9.49 -10.50
CA PHE A 31 9.31 8.46 -9.91
C PHE A 31 8.63 7.78 -8.68
N PHE A 32 8.67 6.43 -8.65
CA PHE A 32 8.28 5.62 -7.50
C PHE A 32 9.26 4.50 -7.34
N SER A 33 9.72 4.27 -6.12
CA SER A 33 10.81 3.31 -5.90
C SER A 33 10.28 1.88 -6.06
N LEU A 34 11.07 1.05 -6.71
CA LEU A 34 10.76 -0.33 -6.95
C LEU A 34 11.61 -1.23 -6.04
N ALA A 35 12.23 -0.63 -5.03
CA ALA A 35 13.08 -1.41 -4.08
C ALA A 35 12.39 -2.65 -3.51
N ASN A 36 11.12 -2.55 -3.12
CA ASN A 36 10.38 -3.70 -2.59
CA ASN A 36 10.38 -3.70 -2.58
C ASN A 36 10.03 -4.73 -3.66
N GLU A 37 9.99 -4.29 -4.91
CA GLU A 37 9.64 -5.19 -6.01
C GLU A 37 10.90 -5.91 -6.48
N SER A 38 12.04 -5.51 -5.94
CA SER A 38 13.30 -6.19 -6.23
C SER A 38 13.43 -7.55 -5.55
N VAL A 39 13.55 -8.62 -6.32
CA VAL A 39 13.73 -9.93 -5.70
C VAL A 39 15.10 -10.01 -5.05
N ILE A 40 16.08 -9.35 -5.65
CA ILE A 40 17.45 -9.34 -5.13
C ILE A 40 17.57 -8.06 -4.30
N SER A 41 18.30 -8.13 -3.19
CA SER A 41 18.37 -7.05 -2.23
C SER A 41 19.25 -5.97 -2.77
N PRO A 42 18.83 -4.72 -2.64
CA PRO A 42 19.65 -3.64 -3.14
C PRO A 42 20.86 -3.36 -2.26
N GLU A 43 20.82 -3.85 -1.03
CA GLU A 43 21.87 -3.58 -0.07
C GLU A 43 23.21 -4.05 -0.60
N VAL A 44 24.26 -3.34 -0.20
CA VAL A 44 25.63 -3.78 -0.50
C VAL A 44 25.81 -5.07 0.26
N PRO A 45 26.28 -6.11 -0.41
CA PRO A 45 26.42 -7.37 0.31
C PRO A 45 27.58 -7.34 1.30
N ALA A 46 27.49 -8.21 2.31
CA ALA A 46 28.49 -8.28 3.35
C ALA A 46 29.85 -8.66 2.75
N GLY A 47 30.91 -7.98 3.16
CA GLY A 47 32.26 -8.26 2.67
C GLY A 47 32.54 -7.43 1.42
N CYS A 48 31.54 -6.68 0.98
CA CYS A 48 31.65 -5.91 -0.26
C CYS A 48 31.71 -4.41 -0.02
N ARG A 49 32.55 -3.75 -0.80
CA ARG A 49 32.67 -2.30 -0.76
CA ARG A 49 32.54 -2.29 -0.77
C ARG A 49 32.46 -1.67 -2.15
N VAL A 50 31.55 -0.71 -2.29
CA VAL A 50 31.36 0.08 -3.54
C VAL A 50 32.56 1.05 -3.83
N THR A 51 33.17 0.84 -4.99
CA THR A 51 34.27 1.61 -5.45
C THR A 51 33.94 2.51 -6.68
N PHE A 52 32.70 2.49 -7.17
CA PHE A 52 32.32 3.28 -8.38
C PHE A 52 30.82 3.44 -8.36
N ALA A 53 30.35 4.64 -8.69
CA ALA A 53 28.91 4.85 -8.90
C ALA A 53 28.60 5.89 -9.96
N GLN A 54 27.77 5.48 -10.94
CA GLN A 54 27.29 6.36 -12.02
C GLN A 54 25.80 6.42 -11.88
N VAL A 55 25.24 7.61 -11.94
CA VAL A 55 23.80 7.72 -12.03
C VAL A 55 23.46 8.40 -13.38
N LEU A 56 22.48 7.84 -14.05
CA LEU A 56 21.92 8.41 -15.27
C LEU A 56 20.48 8.74 -14.86
N SER A 57 20.12 10.00 -14.89
CA SER A 57 18.81 10.40 -14.39
C SER A 57 18.03 11.11 -15.52
N ARG A 58 16.70 10.94 -15.53
CA ARG A 58 15.86 11.74 -16.38
C ARG A 58 15.55 13.07 -15.68
N HIS A 59 15.06 14.07 -16.44
CA HIS A 59 14.69 15.34 -15.85
C HIS A 59 13.43 15.06 -15.04
N GLY A 60 12.97 16.03 -14.27
CA GLY A 60 11.84 15.77 -13.34
C GLY A 60 10.51 15.96 -14.01
N ALA A 61 9.44 15.79 -13.24
CA ALA A 61 8.14 16.07 -13.74
C ALA A 61 8.07 17.46 -14.41
N ARG A 62 7.35 17.56 -15.51
CA ARG A 62 7.30 18.78 -16.28
C ARG A 62 5.88 19.15 -16.70
N TYR A 63 5.75 20.37 -17.20
CA TYR A 63 4.54 20.76 -17.92
C TYR A 63 4.54 20.10 -19.30
N PRO A 64 3.35 20.00 -19.92
CA PRO A 64 3.29 19.48 -21.35
C PRO A 64 4.14 20.31 -22.30
N THR A 65 4.66 19.69 -23.36
CA THR A 65 5.40 20.48 -24.33
C THR A 65 4.41 21.51 -24.88
N ASP A 66 4.91 22.59 -25.50
CA ASP A 66 4.05 23.68 -26.01
C ASP A 66 3.01 23.17 -27.04
N SER A 67 3.49 22.44 -28.05
CA SER A 67 2.68 21.62 -28.92
C SER A 67 1.51 20.87 -28.24
N LYS A 68 1.82 19.96 -27.30
CA LYS A 68 0.78 19.15 -26.69
C LYS A 68 -0.12 19.99 -25.84
N GLY A 69 0.49 20.97 -25.19
CA GLY A 69 -0.27 21.90 -24.39
C GLY A 69 -1.32 22.71 -25.13
N LYS A 70 -1.00 23.19 -26.36
CA LYS A 70 -1.99 23.85 -27.25
C LYS A 70 -3.14 22.89 -27.66
N LYS A 71 -2.81 21.62 -27.90
CA LYS A 71 -3.80 20.65 -28.27
C LYS A 71 -4.68 20.29 -27.08
N TYR A 72 -4.09 20.07 -25.90
CA TYR A 72 -4.90 19.81 -24.70
C TYR A 72 -5.89 20.97 -24.50
N SER A 73 -5.38 22.18 -24.62
CA SER A 73 -6.10 23.36 -24.21
C SER A 73 -7.24 23.64 -25.23
N ALA A 74 -6.94 23.49 -26.51
CA ALA A 74 -7.97 23.60 -27.56
C ALA A 74 -9.01 22.49 -27.45
N LEU A 75 -8.60 21.27 -27.12
CA LEU A 75 -9.56 20.17 -26.95
C LEU A 75 -10.60 20.49 -25.88
N ILE A 76 -10.14 21.01 -24.75
CA ILE A 76 -11.01 21.29 -23.60
C ILE A 76 -11.98 22.44 -23.90
N GLU A 77 -11.54 23.46 -24.64
CA GLU A 77 -12.45 24.52 -25.06
C GLU A 77 -13.58 23.94 -25.87
N GLU A 78 -13.21 23.16 -26.90
CA GLU A 78 -14.19 22.47 -27.76
C GLU A 78 -15.18 21.65 -26.95
N ILE A 79 -14.68 20.89 -25.97
CA ILE A 79 -15.59 20.17 -25.06
C ILE A 79 -16.52 21.13 -24.31
N GLN A 80 -16.00 22.30 -23.95
CA GLN A 80 -16.79 23.33 -23.27
C GLN A 80 -17.81 24.02 -24.16
N GLN A 81 -17.44 24.32 -25.40
CA GLN A 81 -18.37 24.96 -26.35
C GLN A 81 -19.55 24.07 -26.77
N ASN A 82 -19.31 22.75 -26.84
CA ASN A 82 -20.22 21.81 -27.51
C ASN A 82 -21.13 21.06 -26.54
N ALA A 83 -20.59 20.61 -25.41
CA ALA A 83 -21.33 19.72 -24.52
C ALA A 83 -22.49 20.42 -23.80
N THR A 84 -23.51 19.63 -23.48
CA THR A 84 -24.70 20.16 -22.83
C THR A 84 -24.81 19.57 -21.44
N THR A 85 -24.54 18.27 -21.30
CA THR A 85 -24.57 17.66 -19.99
C THR A 85 -23.17 17.50 -19.40
N PHE A 86 -22.85 18.31 -18.40
CA PHE A 86 -21.66 18.05 -17.58
C PHE A 86 -22.12 17.63 -16.21
N ASP A 87 -22.35 16.34 -15.98
CA ASP A 87 -22.76 15.93 -14.65
C ASP A 87 -22.07 14.69 -14.13
N GLY A 88 -22.21 14.48 -12.82
CA GLY A 88 -21.42 13.47 -12.10
C GLY A 88 -19.94 13.80 -12.22
N LYS A 89 -19.13 12.76 -12.46
CA LYS A 89 -17.66 12.88 -12.67
C LYS A 89 -17.23 13.92 -13.75
N TYR A 90 -18.18 14.35 -14.58
CA TYR A 90 -17.90 15.27 -15.69
C TYR A 90 -18.10 16.72 -15.34
N ALA A 91 -18.65 16.99 -14.17
CA ALA A 91 -19.12 18.35 -13.85
C ALA A 91 -17.99 19.37 -13.93
N PHE A 92 -16.81 18.96 -13.42
CA PHE A 92 -15.64 19.85 -13.30
C PHE A 92 -15.25 20.48 -14.63
N LEU A 93 -15.58 19.77 -15.70
CA LEU A 93 -15.20 20.18 -17.04
C LEU A 93 -15.88 21.44 -17.56
N LYS A 94 -17.03 21.80 -17.00
CA LYS A 94 -17.71 22.99 -17.48
C LYS A 94 -16.82 24.21 -17.28
N THR A 95 -16.14 24.26 -16.13
CA THR A 95 -15.43 25.47 -15.66
C THR A 95 -13.92 25.34 -15.74
N TYR A 96 -13.44 24.11 -15.97
CA TYR A 96 -11.98 23.85 -15.93
C TYR A 96 -11.26 24.91 -16.72
N ASN A 97 -10.20 25.45 -16.12
CA ASN A 97 -9.52 26.62 -16.68
C ASN A 97 -8.07 26.26 -16.90
N TYR A 98 -7.75 25.97 -18.15
CA TYR A 98 -6.44 25.48 -18.49
C TYR A 98 -5.43 26.57 -18.23
N SER A 99 -4.53 26.30 -17.28
CA SER A 99 -3.49 27.25 -16.96
C SER A 99 -2.14 26.61 -16.66
N LEU A 100 -1.97 25.35 -17.11
CA LEU A 100 -0.67 24.70 -17.15
C LEU A 100 0.38 25.55 -17.88
N GLY A 101 1.62 25.52 -17.40
CA GLY A 101 2.70 26.11 -18.14
C GLY A 101 3.18 25.12 -19.20
N ALA A 102 4.35 25.39 -19.78
CA ALA A 102 4.81 24.69 -20.96
C ALA A 102 6.33 24.38 -20.92
N ASP A 103 6.66 23.12 -21.21
CA ASP A 103 8.06 22.61 -21.29
C ASP A 103 8.85 22.48 -19.98
N ASP A 104 8.73 23.48 -19.11
CA ASP A 104 9.54 23.66 -17.93
C ASP A 104 9.17 22.62 -16.87
N LEU A 105 10.10 22.33 -15.97
CA LEU A 105 9.83 21.58 -14.76
C LEU A 105 8.71 22.20 -13.89
N THR A 106 7.87 21.39 -13.29
CA THR A 106 6.95 21.89 -12.29
C THR A 106 7.65 21.97 -10.89
N PRO A 107 7.07 22.72 -9.92
CA PRO A 107 7.57 22.68 -8.52
C PRO A 107 7.78 21.24 -8.05
N PHE A 108 6.78 20.42 -8.26
CA PHE A 108 6.93 18.98 -7.94
C PHE A 108 8.14 18.32 -8.62
N GLY A 109 8.37 18.59 -9.90
CA GLY A 109 9.49 18.00 -10.63
C GLY A 109 10.81 18.49 -10.08
N GLU A 110 10.88 19.75 -9.68
CA GLU A 110 12.08 20.30 -9.06
C GLU A 110 12.46 19.52 -7.81
N GLN A 111 11.49 19.32 -6.94
CA GLN A 111 11.66 18.61 -5.73
C GLN A 111 12.03 17.14 -5.93
N GLU A 112 11.51 16.52 -6.97
CA GLU A 112 11.89 15.12 -7.22
C GLU A 112 13.42 15.03 -7.41
N LEU A 113 14.00 16.04 -8.03
CA LEU A 113 15.39 15.87 -8.39
C LEU A 113 16.23 16.29 -7.23
N VAL A 114 15.70 17.16 -6.37
CA VAL A 114 16.39 17.53 -5.13
C VAL A 114 16.45 16.24 -4.32
N ASN A 115 15.29 15.56 -4.21
CA ASN A 115 15.20 14.32 -3.52
C ASN A 115 16.15 13.28 -4.09
N SER A 116 16.21 13.25 -5.39
CA SER A 116 17.09 12.30 -6.01
C SER A 116 18.55 12.60 -5.63
N GLY A 117 18.95 13.87 -5.54
CA GLY A 117 20.32 14.21 -5.12
C GLY A 117 20.65 13.75 -3.68
N ILE A 118 19.66 13.90 -2.80
CA ILE A 118 19.74 13.53 -1.44
C ILE A 118 19.94 12.04 -1.39
N LYS A 119 19.07 11.32 -2.11
CA LYS A 119 19.16 9.89 -2.11
C LYS A 119 20.51 9.40 -2.66
N PHE A 120 20.98 9.96 -3.76
CA PHE A 120 22.28 9.48 -4.31
C PHE A 120 23.43 9.79 -3.31
N TYR A 121 23.42 10.99 -2.70
CA TYR A 121 24.41 11.38 -1.71
C TYR A 121 24.45 10.38 -0.55
N GLN A 122 23.27 10.01 -0.01
CA GLN A 122 23.17 9.13 1.12
C GLN A 122 23.53 7.71 0.77
N ARG A 123 23.02 7.18 -0.33
CA ARG A 123 23.29 5.79 -0.67
C ARG A 123 24.81 5.55 -0.85
N TYR A 124 25.52 6.54 -1.39
CA TYR A 124 26.96 6.36 -1.66
C TYR A 124 27.87 7.28 -0.76
N GLU A 125 27.30 7.61 0.41
CA GLU A 125 27.93 8.52 1.42
C GLU A 125 29.44 8.26 1.72
N SER A 126 29.85 6.99 1.71
CA SER A 126 31.21 6.67 2.08
C SER A 126 32.17 7.05 0.96
N LEU A 127 31.56 7.46 -0.18
CA LEU A 127 32.30 8.12 -1.26
C LEU A 127 31.91 9.57 -1.53
N THR A 128 30.62 9.92 -1.40
CA THR A 128 30.14 11.24 -1.67
C THR A 128 30.65 12.27 -0.60
N ARG A 129 31.14 11.76 0.53
CA ARG A 129 31.69 12.62 1.55
C ARG A 129 32.93 13.38 1.14
N ASN A 130 33.75 12.77 0.27
CA ASN A 130 34.95 13.48 -0.15
C ASN A 130 35.25 13.55 -1.67
N ILE A 131 34.33 13.01 -2.50
CA ILE A 131 34.52 12.93 -3.94
C ILE A 131 33.44 13.70 -4.66
N VAL A 132 33.87 14.63 -5.50
CA VAL A 132 32.91 15.49 -6.20
C VAL A 132 32.62 14.82 -7.51
N PRO A 133 31.36 14.37 -7.74
CA PRO A 133 31.00 13.69 -9.01
C PRO A 133 31.29 14.53 -10.25
N PHE A 134 31.70 13.87 -11.32
CA PHE A 134 31.84 14.54 -12.61
C PHE A 134 30.46 14.48 -13.32
N ILE A 135 29.95 15.66 -13.68
CA ILE A 135 28.56 15.73 -14.10
C ILE A 135 28.29 16.24 -15.51
N ARG A 136 27.48 15.49 -16.27
CA ARG A 136 27.08 15.95 -17.58
C ARG A 136 25.58 16.04 -17.74
N SER A 137 25.13 16.90 -18.66
CA SER A 137 23.70 17.09 -18.92
C SER A 137 23.44 17.38 -20.40
N SER A 138 22.39 16.77 -20.93
CA SER A 138 21.98 17.04 -22.29
C SER A 138 21.52 18.48 -22.30
N GLY A 139 21.73 19.21 -23.40
CA GLY A 139 21.41 20.63 -23.34
C GLY A 139 19.97 20.92 -23.69
N SER A 140 19.10 20.80 -22.68
CA SER A 140 17.70 21.17 -22.79
C SER A 140 17.37 21.77 -21.45
N SER A 141 16.66 22.90 -21.42
CA SER A 141 16.49 23.66 -20.19
C SER A 141 15.99 22.77 -19.06
N ARG A 142 15.04 21.89 -19.33
CA ARG A 142 14.46 21.11 -18.24
C ARG A 142 15.45 20.06 -17.69
N VAL A 143 16.38 19.64 -18.54
CA VAL A 143 17.36 18.63 -18.17
C VAL A 143 18.46 19.28 -17.31
N ILE A 144 19.00 20.38 -17.82
CA ILE A 144 19.89 21.28 -17.08
C ILE A 144 19.30 21.74 -15.71
N ALA A 145 18.06 22.18 -15.69
CA ALA A 145 17.51 22.62 -14.44
C ALA A 145 17.50 21.45 -13.48
N SER A 146 17.12 20.29 -13.99
CA SER A 146 17.12 19.05 -13.23
C SER A 146 18.51 18.71 -12.67
N GLY A 147 19.52 18.71 -13.54
CA GLY A 147 20.87 18.54 -13.04
C GLY A 147 21.16 19.45 -11.83
N LYS A 148 20.84 20.74 -11.93
CA LYS A 148 21.09 21.69 -10.84
C LYS A 148 20.26 21.42 -9.59
N LYS A 149 19.00 20.97 -9.73
CA LYS A 149 18.24 20.63 -8.55
C LYS A 149 18.81 19.41 -7.90
N PHE A 150 19.29 18.48 -8.71
CA PHE A 150 19.90 17.29 -8.14
C PHE A 150 21.14 17.75 -7.32
N ILE A 151 21.95 18.63 -7.92
CA ILE A 151 23.17 19.11 -7.26
C ILE A 151 22.81 19.89 -5.99
N GLU A 152 21.76 20.72 -6.07
CA GLU A 152 21.19 21.34 -4.86
C GLU A 152 20.99 20.36 -3.68
N GLY A 153 20.28 19.28 -3.92
CA GLY A 153 19.93 18.39 -2.82
C GLY A 153 21.13 17.61 -2.30
N PHE A 154 22.02 17.25 -3.21
CA PHE A 154 23.28 16.60 -2.90
C PHE A 154 24.10 17.50 -1.97
N GLN A 155 24.24 18.78 -2.33
CA GLN A 155 25.12 19.71 -1.61
C GLN A 155 24.49 20.04 -0.24
N SER A 156 23.17 20.18 -0.17
CA SER A 156 22.50 20.31 1.12
C SER A 156 22.84 19.18 2.09
N THR A 157 22.85 17.95 1.62
CA THR A 157 23.11 16.79 2.44
C THR A 157 24.57 16.68 2.79
N LYS A 158 25.49 16.93 1.84
CA LYS A 158 26.90 16.95 2.18
C LYS A 158 27.16 17.92 3.40
N LEU A 159 26.66 19.15 3.33
CA LEU A 159 26.77 20.13 4.40
C LEU A 159 26.32 19.63 5.79
N LYS A 160 25.35 18.73 5.83
CA LYS A 160 24.84 18.23 7.10
C LYS A 160 25.51 16.97 7.55
N ASP A 161 26.54 16.53 6.84
CA ASP A 161 27.08 15.23 7.08
C ASP A 161 28.38 15.44 7.86
N PRO A 162 28.45 14.88 9.09
CA PRO A 162 29.58 15.08 9.99
C PRO A 162 30.85 14.49 9.41
N ARG A 163 30.69 13.55 8.48
CA ARG A 163 31.84 12.87 7.85
C ARG A 163 32.34 13.51 6.58
N ALA A 164 31.61 14.48 6.05
CA ALA A 164 31.99 15.12 4.80
C ALA A 164 33.24 15.98 4.94
N GLN A 165 34.21 15.81 4.04
CA GLN A 165 35.31 16.73 3.95
C GLN A 165 34.85 18.07 3.37
N PRO A 166 34.74 19.13 4.22
CA PRO A 166 34.21 20.46 3.87
C PRO A 166 35.12 21.33 2.99
N GLY A 167 34.54 22.43 2.49
CA GLY A 167 35.22 23.35 1.56
C GLY A 167 35.92 22.69 0.36
N GLN A 168 35.26 21.69 -0.23
CA GLN A 168 35.75 21.09 -1.49
C GLN A 168 35.10 21.92 -2.61
N SER A 169 35.55 21.82 -3.86
CA SER A 169 34.79 22.58 -4.90
C SER A 169 33.33 22.08 -4.95
N SER A 170 32.41 22.93 -5.37
CA SER A 170 31.03 22.49 -5.52
C SER A 170 30.92 21.46 -6.65
N PRO A 171 29.95 20.53 -6.53
CA PRO A 171 29.52 19.79 -7.73
C PRO A 171 28.82 20.74 -8.67
N LYS A 172 29.09 20.64 -9.98
CA LYS A 172 28.40 21.48 -10.97
C LYS A 172 28.24 20.65 -12.23
N ILE A 173 27.44 21.18 -13.16
CA ILE A 173 27.33 20.59 -14.46
C ILE A 173 28.60 20.92 -15.23
N ASP A 174 29.48 19.93 -15.34
CA ASP A 174 30.76 20.12 -16.01
C ASP A 174 30.71 20.29 -17.50
N VAL A 175 29.76 19.59 -18.13
CA VAL A 175 29.61 19.57 -19.58
C VAL A 175 28.12 19.61 -19.89
N VAL A 176 27.71 20.61 -20.67
CA VAL A 176 26.37 20.65 -21.28
C VAL A 176 26.55 20.16 -22.70
N ILE A 177 25.97 19.01 -23.02
CA ILE A 177 26.05 18.44 -24.36
C ILE A 177 24.93 18.99 -25.24
N SER A 178 25.33 19.57 -26.36
CA SER A 178 24.38 20.13 -27.34
C SER A 178 23.38 19.14 -27.95
N GLU A 179 22.10 19.53 -27.92
CA GLU A 179 21.07 18.80 -28.68
C GLU A 179 20.90 19.28 -30.14
N ALA A 180 21.70 20.25 -30.60
CA ALA A 180 21.60 20.65 -32.02
C ALA A 180 21.71 19.38 -32.90
N SER A 181 21.19 19.51 -34.13
CA SER A 181 21.04 18.40 -35.07
C SER A 181 22.39 17.85 -35.56
N SER A 182 23.41 18.70 -35.51
CA SER A 182 24.78 18.28 -35.87
C SER A 182 25.56 17.71 -34.67
N SER A 183 25.02 17.87 -33.47
CA SER A 183 25.78 17.45 -32.27
C SER A 183 25.83 15.91 -32.01
N ASN A 184 27.04 15.36 -31.88
CA ASN A 184 27.18 14.02 -31.30
C ASN A 184 26.87 14.07 -29.81
N ASN A 185 25.69 13.57 -29.41
CA ASN A 185 25.19 13.55 -28.04
C ASN A 185 24.91 12.09 -27.58
N THR A 186 25.73 11.52 -26.70
CA THR A 186 25.54 10.15 -26.23
C THR A 186 24.29 9.95 -25.40
N LEU A 187 23.78 11.07 -24.89
CA LEU A 187 22.72 11.05 -23.90
C LEU A 187 21.40 10.99 -24.60
N ASP A 188 21.36 11.51 -25.84
CA ASP A 188 20.10 11.57 -26.61
C ASP A 188 20.40 11.86 -28.09
N PRO A 189 20.86 10.82 -28.83
CA PRO A 189 21.47 11.11 -30.12
C PRO A 189 20.42 11.58 -31.09
N GLY A 190 20.79 12.48 -31.99
CA GLY A 190 19.84 12.95 -33.00
C GLY A 190 20.46 12.92 -34.38
N THR A 191 21.53 12.16 -34.57
CA THR A 191 22.23 12.16 -35.84
C THR A 191 22.01 10.91 -36.69
N CYS A 192 21.31 9.90 -36.18
CA CYS A 192 21.11 8.66 -36.93
C CYS A 192 19.94 8.86 -37.91
N THR A 193 20.23 9.38 -39.09
CA THR A 193 19.19 9.83 -40.06
C THR A 193 18.07 8.81 -40.28
N VAL A 194 18.43 7.54 -40.51
CA VAL A 194 17.42 6.54 -40.78
C VAL A 194 16.52 6.30 -39.54
N PHE A 195 17.13 6.24 -38.33
CA PHE A 195 16.33 6.03 -37.11
C PHE A 195 15.45 7.26 -36.87
N GLU A 196 15.99 8.44 -37.08
CA GLU A 196 15.18 9.65 -36.92
C GLU A 196 13.93 9.65 -37.82
N ASP A 197 14.01 9.02 -38.97
CA ASP A 197 12.86 8.93 -39.89
C ASP A 197 11.86 7.80 -39.60
N SER A 198 12.27 6.80 -38.79
CA SER A 198 11.42 5.63 -38.42
C SER A 198 9.97 5.98 -38.08
N GLU A 199 9.04 5.11 -38.49
CA GLU A 199 7.63 5.32 -38.19
C GLU A 199 7.00 4.11 -37.48
N LEU A 200 7.82 3.10 -37.17
CA LEU A 200 7.39 1.89 -36.45
C LEU A 200 6.54 2.15 -35.19
N ALA A 201 6.90 3.22 -34.44
CA ALA A 201 6.24 3.51 -33.15
C ALA A 201 4.81 3.97 -33.37
N ASP A 202 4.65 4.89 -34.32
CA ASP A 202 3.35 5.42 -34.72
C ASP A 202 2.38 4.30 -35.15
N THR A 203 2.89 3.41 -36.00
CA THR A 203 2.11 2.27 -36.46
C THR A 203 1.62 1.47 -35.29
N VAL A 204 2.56 1.03 -34.44
CA VAL A 204 2.23 0.27 -33.24
C VAL A 204 1.27 1.02 -32.31
N GLU A 205 1.50 2.32 -32.13
CA GLU A 205 0.66 3.13 -31.31
C GLU A 205 -0.75 3.00 -31.86
N ALA A 206 -0.93 3.27 -33.16
CA ALA A 206 -2.28 3.27 -33.76
C ALA A 206 -2.90 1.89 -33.67
N ASN A 207 -2.12 0.85 -34.00
CA ASN A 207 -2.73 -0.47 -33.99
C ASN A 207 -3.26 -0.78 -32.62
N PHE A 208 -2.48 -0.51 -31.57
CA PHE A 208 -2.93 -0.83 -30.23
C PHE A 208 -4.01 0.10 -29.70
N THR A 209 -3.98 1.39 -30.08
CA THR A 209 -4.96 2.29 -29.56
C THR A 209 -6.34 1.88 -30.08
N ALA A 210 -6.39 1.46 -31.35
CA ALA A 210 -7.62 0.91 -31.94
C ALA A 210 -8.23 -0.30 -31.20
N THR A 211 -7.45 -0.98 -30.34
CA THR A 211 -8.02 -2.09 -29.61
C THR A 211 -8.71 -1.76 -28.27
N PHE A 212 -8.58 -0.53 -27.78
CA PHE A 212 -9.21 -0.22 -26.46
C PHE A 212 -9.72 1.18 -26.34
N VAL A 213 -9.21 2.09 -27.16
CA VAL A 213 -9.68 3.48 -27.12
C VAL A 213 -11.12 3.74 -27.64
N PRO A 214 -11.53 3.13 -28.80
CA PRO A 214 -12.92 3.31 -29.30
C PRO A 214 -14.04 3.08 -28.24
N SER A 215 -13.95 2.04 -27.41
CA SER A 215 -14.91 1.87 -26.29
C SER A 215 -14.97 3.07 -25.38
N ILE A 216 -13.79 3.67 -25.12
CA ILE A 216 -13.73 4.81 -24.22
C ILE A 216 -14.31 5.97 -24.94
N ARG A 217 -13.82 6.22 -26.16
CA ARG A 217 -14.43 7.26 -27.01
C ARG A 217 -15.96 7.20 -26.97
N GLN A 218 -16.50 6.01 -27.09
CA GLN A 218 -17.94 5.89 -27.16
C GLN A 218 -18.65 6.37 -25.88
N ARG A 219 -18.17 5.86 -24.74
CA ARG A 219 -18.66 6.24 -23.43
C ARG A 219 -18.54 7.73 -23.20
N LEU A 220 -17.41 8.33 -23.61
CA LEU A 220 -17.31 9.77 -23.41
C LEU A 220 -18.34 10.55 -24.23
N GLU A 221 -18.59 10.14 -25.47
CA GLU A 221 -19.53 10.87 -26.33
C GLU A 221 -20.95 10.68 -25.81
N ASN A 222 -21.21 9.49 -25.29
CA ASN A 222 -22.44 9.17 -24.61
C ASN A 222 -22.76 10.07 -23.43
N ASP A 223 -21.74 10.31 -22.60
CA ASP A 223 -21.91 11.05 -21.33
C ASP A 223 -21.90 12.57 -21.54
N LEU A 224 -21.17 13.03 -22.54
CA LEU A 224 -21.08 14.42 -22.89
C LEU A 224 -21.79 14.70 -24.20
N SER A 225 -23.14 14.71 -24.17
CA SER A 225 -23.94 15.02 -25.36
C SER A 225 -23.53 16.26 -26.07
N GLY A 226 -23.36 16.16 -27.37
CA GLY A 226 -22.98 17.31 -28.18
C GLY A 226 -21.51 17.26 -28.54
N VAL A 227 -20.80 16.33 -27.93
CA VAL A 227 -19.36 16.23 -28.12
C VAL A 227 -18.99 15.10 -29.09
N THR A 228 -17.98 15.35 -29.91
CA THR A 228 -17.49 14.33 -30.82
C THR A 228 -15.94 14.26 -30.76
N LEU A 229 -15.38 13.08 -30.53
CA LEU A 229 -13.97 12.95 -30.20
C LEU A 229 -13.24 12.00 -31.13
N THR A 230 -11.96 12.27 -31.39
CA THR A 230 -11.16 11.26 -32.08
C THR A 230 -10.55 10.35 -31.01
N ASP A 231 -10.14 9.16 -31.39
CA ASP A 231 -9.32 8.33 -30.52
C ASP A 231 -8.13 9.13 -29.93
N THR A 232 -7.45 9.92 -30.76
CA THR A 232 -6.27 10.61 -30.30
C THR A 232 -6.67 11.57 -29.20
N GLU A 233 -7.85 12.20 -29.36
CA GLU A 233 -8.27 13.17 -28.37
C GLU A 233 -8.54 12.50 -27.04
N VAL A 234 -8.99 11.26 -27.06
CA VAL A 234 -9.29 10.58 -25.84
C VAL A 234 -7.98 10.37 -25.11
N THR A 235 -6.90 10.01 -25.83
CA THR A 235 -5.66 9.85 -25.15
C THR A 235 -5.15 11.21 -24.57
N TYR A 236 -5.50 12.34 -25.18
CA TYR A 236 -5.18 13.63 -24.58
C TYR A 236 -5.83 13.79 -23.20
N LEU A 237 -7.12 13.50 -23.07
CA LEU A 237 -7.75 13.54 -21.76
C LEU A 237 -7.19 12.53 -20.79
N MET A 238 -6.59 11.46 -21.30
CA MET A 238 -5.93 10.52 -20.40
C MET A 238 -4.59 11.12 -19.92
N ASP A 239 -3.90 11.81 -20.83
CA ASP A 239 -2.64 12.44 -20.52
C ASP A 239 -2.87 13.50 -19.41
N MET A 240 -3.94 14.26 -19.55
CA MET A 240 -4.27 15.30 -18.56
C MET A 240 -4.38 14.79 -17.11
N CYS A 241 -4.74 13.54 -16.94
CA CYS A 241 -4.81 13.00 -15.59
C CYS A 241 -3.39 13.08 -14.87
N SER A 242 -2.33 12.78 -15.58
CA SER A 242 -1.03 12.92 -14.99
C SER A 242 -0.65 14.37 -14.89
N PHE A 243 -0.77 15.13 -15.97
CA PHE A 243 -0.35 16.50 -15.97
C PHE A 243 -1.15 17.41 -15.05
N ASP A 244 -2.45 17.16 -14.91
CA ASP A 244 -3.27 17.93 -13.96
C ASP A 244 -3.10 17.46 -12.51
N THR A 245 -2.56 16.26 -12.27
CA THR A 245 -2.28 15.85 -10.90
C THR A 245 -0.98 16.55 -10.39
N ILE A 246 0.08 16.48 -11.17
CA ILE A 246 1.40 16.76 -10.65
C ILE A 246 1.96 18.13 -11.01
N SER A 247 1.07 18.99 -11.49
CA SER A 247 1.38 20.38 -11.81
C SER A 247 0.96 21.30 -10.69
N THR A 248 0.21 20.77 -9.76
CA THR A 248 -0.51 21.59 -8.82
C THR A 248 0.09 21.48 -7.42
N SER A 249 -0.36 22.36 -6.53
CA SER A 249 0.01 22.30 -5.10
C SER A 249 -0.48 21.00 -4.43
N THR A 250 -1.59 20.47 -4.95
CA THR A 250 -2.26 19.31 -4.37
C THR A 250 -1.69 17.97 -4.85
N VAL A 251 -0.49 17.97 -5.41
CA VAL A 251 0.05 16.73 -5.95
C VAL A 251 -0.03 15.55 -4.99
N ASP A 252 0.10 15.84 -3.69
CA ASP A 252 0.18 14.80 -2.64
C ASP A 252 -1.18 14.40 -2.08
N THR A 253 -2.19 15.26 -2.23
CA THR A 253 -3.47 15.11 -1.53
C THR A 253 -4.62 14.72 -2.47
N LYS A 254 -4.62 15.27 -3.68
CA LYS A 254 -5.73 15.10 -4.65
C LYS A 254 -5.26 14.53 -6.00
N LEU A 255 -5.89 13.42 -6.43
CA LEU A 255 -5.77 12.93 -7.82
C LEU A 255 -6.58 13.81 -8.77
N SER A 256 -6.02 14.17 -9.94
CA SER A 256 -6.80 14.98 -10.88
C SER A 256 -8.20 14.40 -11.15
N PRO A 257 -9.19 15.27 -11.41
CA PRO A 257 -10.52 14.77 -11.82
C PRO A 257 -10.53 14.05 -13.20
N PHE A 258 -9.63 14.44 -14.10
CA PHE A 258 -9.45 13.71 -15.34
C PHE A 258 -9.27 12.23 -15.07
N CYS A 259 -8.61 11.91 -13.96
CA CYS A 259 -8.30 10.49 -13.68
C CYS A 259 -9.47 9.54 -13.55
N ASP A 260 -10.59 10.07 -13.06
CA ASP A 260 -11.72 9.27 -12.69
C ASP A 260 -12.72 9.13 -13.87
N LEU A 261 -12.40 9.76 -15.00
CA LEU A 261 -13.16 9.54 -16.25
C LEU A 261 -12.84 8.18 -16.90
N PHE A 262 -11.86 7.47 -16.36
CA PHE A 262 -11.34 6.24 -16.92
C PHE A 262 -11.18 5.21 -15.83
N THR A 263 -11.46 3.96 -16.13
CA THR A 263 -11.41 2.90 -15.14
C THR A 263 -9.99 2.36 -15.01
N HIS A 264 -9.79 1.55 -13.97
CA HIS A 264 -8.52 0.98 -13.69
C HIS A 264 -8.03 0.16 -14.89
N ASP A 265 -8.94 -0.63 -15.47
CA ASP A 265 -8.59 -1.46 -16.61
C ASP A 265 -8.11 -0.64 -17.82
N GLU A 266 -8.71 0.53 -18.05
CA GLU A 266 -8.30 1.46 -19.06
C GLU A 266 -6.96 2.09 -18.74
N TRP A 267 -6.69 2.34 -17.46
CA TRP A 267 -5.33 2.74 -17.09
C TRP A 267 -4.31 1.63 -17.40
N ILE A 268 -4.71 0.38 -17.20
CA ILE A 268 -3.82 -0.71 -17.57
C ILE A 268 -3.42 -0.70 -19.08
N ASN A 269 -4.41 -0.54 -19.93
CA ASN A 269 -4.15 -0.36 -21.35
C ASN A 269 -3.30 0.87 -21.62
N TYR A 270 -3.66 2.04 -21.05
CA TYR A 270 -2.85 3.24 -21.17
C TYR A 270 -1.39 3.01 -20.87
N ASP A 271 -1.13 2.39 -19.71
CA ASP A 271 0.22 2.13 -19.26
C ASP A 271 0.92 1.29 -20.30
N TYR A 272 0.22 0.23 -20.76
CA TYR A 272 0.82 -0.68 -21.72
C TYR A 272 1.08 0.05 -23.02
N LEU A 273 0.10 0.83 -23.47
CA LEU A 273 0.32 1.71 -24.64
C LEU A 273 1.64 2.42 -24.45
N GLN A 274 1.85 2.97 -23.23
CA GLN A 274 3.08 3.78 -23.02
C GLN A 274 4.33 2.92 -23.14
N SER A 275 4.34 1.72 -22.54
CA SER A 275 5.46 0.79 -22.76
C SER A 275 5.70 0.46 -24.26
N LEU A 276 4.61 0.26 -25.03
CA LEU A 276 4.72 0.04 -26.49
C LEU A 276 5.41 1.17 -27.25
N LYS A 277 4.97 2.41 -27.01
CA LYS A 277 5.60 3.53 -27.65
C LYS A 277 7.12 3.54 -27.40
N LYS A 278 7.51 3.27 -26.15
CA LYS A 278 8.92 3.32 -25.82
C LYS A 278 9.63 2.10 -26.40
N TYR A 279 9.10 0.91 -26.14
CA TYR A 279 9.70 -0.33 -26.70
C TYR A 279 10.01 -0.33 -28.20
N TYR A 280 9.00 0.03 -29.02
CA TYR A 280 9.14 0.14 -30.51
C TYR A 280 9.68 1.45 -30.97
N GLY A 281 9.66 2.50 -30.13
CA GLY A 281 10.25 3.76 -30.54
C GLY A 281 11.77 3.79 -30.37
N HIS A 282 12.26 3.32 -29.22
CA HIS A 282 13.62 3.52 -28.79
C HIS A 282 14.30 2.30 -28.21
N GLY A 283 13.51 1.32 -27.86
CA GLY A 283 14.04 0.04 -27.35
C GLY A 283 14.24 -1.06 -28.38
N ALA A 284 14.51 -2.27 -27.93
CA ALA A 284 14.76 -3.43 -28.81
C ALA A 284 13.72 -3.68 -29.92
N GLY A 285 12.49 -3.22 -29.75
CA GLY A 285 11.51 -3.30 -30.78
C GLY A 285 11.83 -2.50 -32.03
N ASN A 286 12.67 -1.44 -31.90
CA ASN A 286 12.94 -0.67 -33.05
C ASN A 286 14.28 -1.09 -33.58
N PRO A 287 14.38 -1.32 -34.89
CA PRO A 287 15.65 -1.94 -35.34
C PRO A 287 16.90 -1.08 -35.06
N LEU A 288 16.78 0.24 -34.98
CA LEU A 288 17.92 1.08 -34.67
C LEU A 288 17.86 1.73 -33.25
N GLY A 289 16.95 1.23 -32.42
CA GLY A 289 16.69 1.77 -31.09
C GLY A 289 17.89 1.52 -30.16
N PRO A 290 18.25 0.26 -29.93
CA PRO A 290 19.36 -0.03 -29.00
C PRO A 290 20.66 0.55 -29.52
N THR A 291 20.68 0.82 -30.83
CA THR A 291 21.84 1.40 -31.49
C THR A 291 21.98 2.87 -31.04
N GLN A 292 20.89 3.48 -30.59
CA GLN A 292 20.94 4.86 -30.10
C GLN A 292 21.68 4.94 -28.74
N GLY A 293 21.85 3.78 -28.07
CA GLY A 293 22.45 3.71 -26.76
C GLY A 293 23.92 3.34 -26.77
N VAL A 294 24.50 3.11 -27.94
CA VAL A 294 25.85 2.49 -27.90
C VAL A 294 26.96 3.51 -27.56
N GLY A 295 26.74 4.77 -27.89
CA GLY A 295 27.62 5.80 -27.46
C GLY A 295 27.83 5.84 -25.96
N TYR A 296 26.73 5.86 -25.21
CA TYR A 296 26.77 5.96 -23.84
C TYR A 296 27.34 4.69 -23.29
N ALA A 297 26.95 3.55 -23.85
CA ALA A 297 27.46 2.28 -23.41
C ALA A 297 28.98 2.23 -23.57
N ASN A 298 29.50 2.75 -24.68
CA ASN A 298 30.94 2.81 -24.80
C ASN A 298 31.62 3.78 -23.84
N GLU A 299 30.99 4.93 -23.56
CA GLU A 299 31.43 5.81 -22.46
C GLU A 299 31.43 5.11 -21.10
N LEU A 300 30.38 4.36 -20.83
CA LEU A 300 30.33 3.60 -19.60
C LEU A 300 31.46 2.60 -19.48
N ILE A 301 31.80 1.92 -20.57
CA ILE A 301 32.86 0.96 -20.51
C ILE A 301 34.24 1.65 -20.25
N ALA A 302 34.42 2.84 -20.81
CA ALA A 302 35.70 3.58 -20.61
C ALA A 302 35.84 3.87 -19.12
N ARG A 303 34.73 4.30 -18.51
CA ARG A 303 34.66 4.60 -17.09
C ARG A 303 34.91 3.36 -16.23
N LEU A 304 34.31 2.25 -16.59
CA LEU A 304 34.49 1.04 -15.82
C LEU A 304 35.90 0.54 -15.96
N THR A 305 36.48 0.69 -17.16
CA THR A 305 37.86 0.18 -17.36
C THR A 305 38.97 1.21 -17.29
N HIS A 306 38.62 2.48 -16.95
CA HIS A 306 39.56 3.59 -16.79
C HIS A 306 40.43 3.71 -18.00
N SER A 307 39.82 3.59 -19.18
CA SER A 307 40.56 3.61 -20.46
C SER A 307 39.82 4.46 -21.45
N PRO A 308 40.50 4.89 -22.53
CA PRO A 308 39.92 5.75 -23.57
C PRO A 308 38.68 5.14 -24.28
N VAL A 309 37.70 6.00 -24.57
CA VAL A 309 36.42 5.63 -25.17
C VAL A 309 36.75 5.08 -26.52
N HIS A 310 36.20 3.91 -26.83
CA HIS A 310 36.26 3.38 -28.20
C HIS A 310 34.84 3.39 -28.74
N ASP A 311 34.58 4.40 -29.57
CA ASP A 311 33.28 4.59 -30.11
C ASP A 311 33.30 5.41 -31.38
N ASP A 312 32.47 5.05 -32.34
CA ASP A 312 32.31 5.87 -33.50
C ASP A 312 30.85 6.06 -33.89
N THR A 313 29.99 6.03 -32.89
CA THR A 313 28.59 6.31 -33.11
C THR A 313 28.16 7.73 -32.64
N SER A 314 27.62 7.83 -31.43
CA SER A 314 27.06 9.08 -30.97
C SER A 314 28.04 9.92 -30.14
N SER A 315 29.26 9.44 -29.93
CA SER A 315 30.15 10.13 -29.05
C SER A 315 30.83 11.33 -29.73
N ASN A 316 31.01 12.39 -28.97
CA ASN A 316 31.81 13.49 -29.43
C ASN A 316 33.28 13.26 -28.96
N HIS A 317 34.19 13.15 -29.94
CA HIS A 317 35.61 12.84 -29.74
C HIS A 317 36.36 14.03 -29.15
N THR A 318 35.90 15.24 -29.45
CA THR A 318 36.58 16.38 -28.88
C THR A 318 36.35 16.34 -27.38
N LEU A 319 35.09 16.15 -27.00
CA LEU A 319 34.70 16.01 -25.60
C LEU A 319 35.35 14.84 -24.89
N ASP A 320 35.41 13.67 -25.53
CA ASP A 320 35.77 12.47 -24.83
C ASP A 320 37.27 12.18 -24.79
N SER A 321 38.04 12.80 -25.65
CA SER A 321 39.46 12.48 -25.65
C SER A 321 40.25 13.41 -24.72
N SER A 322 39.57 14.40 -24.11
CA SER A 322 40.14 15.35 -23.10
C SER A 322 39.75 15.04 -21.63
N PRO A 323 40.75 14.85 -20.72
CA PRO A 323 40.46 14.47 -19.33
C PRO A 323 39.54 15.48 -18.63
N ALA A 324 39.61 16.74 -19.03
CA ALA A 324 38.77 17.83 -18.54
C ALA A 324 37.26 17.60 -18.76
N THR A 325 36.89 17.11 -19.94
CA THR A 325 35.49 16.93 -20.30
C THR A 325 35.11 15.45 -20.31
N PHE A 326 36.09 14.57 -20.16
CA PHE A 326 35.77 13.16 -19.94
C PHE A 326 36.84 12.45 -19.08
N PRO A 327 36.86 12.77 -17.76
CA PRO A 327 37.85 12.20 -16.84
C PRO A 327 37.55 10.74 -16.61
N LEU A 328 38.59 9.93 -16.60
CA LEU A 328 38.46 8.47 -16.52
C LEU A 328 38.51 7.86 -15.10
N ASN A 329 38.72 8.70 -14.08
CA ASN A 329 38.98 8.16 -12.73
C ASN A 329 38.32 8.95 -11.64
N SER A 330 37.04 9.30 -11.81
CA SER A 330 36.40 10.30 -10.93
C SER A 330 35.60 9.62 -9.86
N THR A 331 35.45 8.31 -9.96
CA THR A 331 34.69 7.50 -9.02
C THR A 331 33.19 7.69 -9.02
N LEU A 332 32.77 8.93 -9.10
CA LEU A 332 31.35 9.20 -9.11
C LEU A 332 31.03 10.03 -10.33
N TYR A 333 29.91 9.70 -10.95
CA TYR A 333 29.48 10.32 -12.20
C TYR A 333 27.97 10.43 -12.12
N ALA A 334 27.48 11.53 -12.71
CA ALA A 334 26.06 11.79 -12.80
C ALA A 334 25.81 12.33 -14.22
N ASP A 335 24.79 11.76 -14.90
CA ASP A 335 24.38 12.19 -16.23
C ASP A 335 22.88 12.43 -16.21
N PHE A 336 22.42 13.49 -16.89
CA PHE A 336 21.00 13.89 -16.97
C PHE A 336 20.49 13.99 -18.40
N SER A 337 19.30 13.45 -18.65
CA SER A 337 18.82 13.30 -20.04
C SER A 337 17.33 13.09 -20.09
N HIS A 338 16.86 12.70 -21.29
CA HIS A 338 15.43 12.52 -21.64
C HIS A 338 15.12 11.04 -21.58
N ASP A 339 13.83 10.69 -21.49
CA ASP A 339 13.43 9.28 -21.41
C ASP A 339 13.84 8.43 -22.67
N ASN A 340 13.76 9.02 -23.85
CA ASN A 340 13.94 8.27 -25.06
C ASN A 340 15.37 7.79 -25.16
N GLY A 341 16.33 8.69 -24.89
CA GLY A 341 17.75 8.30 -24.85
C GLY A 341 17.97 7.29 -23.75
N ILE A 342 17.23 7.39 -22.63
CA ILE A 342 17.51 6.48 -21.50
C ILE A 342 17.02 5.06 -21.84
N ILE A 343 15.90 4.98 -22.55
CA ILE A 343 15.42 3.70 -23.03
C ILE A 343 16.52 3.05 -23.90
N SER A 344 17.05 3.78 -24.89
CA SER A 344 18.04 3.17 -25.79
C SER A 344 19.26 2.62 -25.06
N ILE A 345 19.71 3.39 -24.06
CA ILE A 345 20.84 3.01 -23.26
C ILE A 345 20.56 1.77 -22.42
N LEU A 346 19.38 1.70 -21.82
CA LEU A 346 19.00 0.57 -21.00
C LEU A 346 19.11 -0.74 -21.88
N PHE A 347 18.69 -0.63 -23.15
CA PHE A 347 18.68 -1.77 -24.02
C PHE A 347 20.03 -2.07 -24.61
N ALA A 348 20.79 -1.02 -24.94
CA ALA A 348 22.17 -1.23 -25.40
C ALA A 348 23.04 -1.87 -24.31
N LEU A 349 22.68 -1.71 -23.03
CA LEU A 349 23.51 -2.30 -21.95
C LEU A 349 23.08 -3.72 -21.69
N GLY A 350 22.13 -4.22 -22.50
CA GLY A 350 21.70 -5.60 -22.36
C GLY A 350 20.68 -5.83 -21.25
N LEU A 351 20.18 -4.78 -20.62
CA LEU A 351 19.44 -4.94 -19.33
C LEU A 351 18.10 -5.61 -19.41
N TYR A 352 17.59 -5.68 -20.63
CA TYR A 352 16.24 -6.21 -20.85
C TYR A 352 16.29 -7.29 -21.94
N ASN A 353 17.45 -7.96 -21.99
CA ASN A 353 17.61 -9.10 -22.86
C ASN A 353 16.94 -10.36 -22.33
N GLY A 354 16.22 -10.28 -21.22
CA GLY A 354 15.34 -11.36 -20.85
C GLY A 354 13.92 -11.08 -21.35
N THR A 355 13.69 -9.97 -22.02
CA THR A 355 12.36 -9.50 -22.34
C THR A 355 11.99 -9.93 -23.77
N LYS A 356 10.88 -10.66 -23.92
CA LYS A 356 10.33 -10.96 -25.28
C LYS A 356 9.62 -9.74 -25.92
N PRO A 357 9.79 -9.52 -27.25
CA PRO A 357 9.14 -8.39 -27.93
C PRO A 357 7.70 -8.25 -27.49
N LEU A 358 7.25 -7.04 -27.22
CA LEU A 358 5.98 -6.87 -26.56
C LEU A 358 4.91 -7.08 -27.60
N SER A 359 3.86 -7.82 -27.20
CA SER A 359 2.66 -8.01 -28.04
C SER A 359 2.05 -6.67 -28.42
N THR A 360 1.80 -6.45 -29.70
CA THR A 360 1.13 -5.22 -30.15
C THR A 360 -0.41 -5.23 -30.09
N THR A 361 -1.00 -6.32 -29.62
CA THR A 361 -2.46 -6.54 -29.66
C THR A 361 -3.07 -6.72 -28.28
N THR A 362 -2.25 -7.24 -27.36
CA THR A 362 -2.66 -7.64 -26.02
C THR A 362 -1.71 -7.13 -24.92
N VAL A 363 -2.31 -6.70 -23.80
CA VAL A 363 -1.62 -6.28 -22.62
C VAL A 363 -0.75 -7.41 -22.06
N GLU A 364 0.46 -7.04 -21.63
CA GLU A 364 1.35 -7.94 -20.94
C GLU A 364 1.77 -7.34 -19.58
N ASN A 365 1.49 -8.09 -18.51
CA ASN A 365 1.92 -7.72 -17.15
C ASN A 365 3.45 -7.70 -16.98
N ILE A 366 3.91 -7.19 -15.84
CA ILE A 366 5.33 -6.92 -15.65
C ILE A 366 6.17 -8.20 -15.51
N THR A 367 5.51 -9.33 -15.22
CA THR A 367 6.15 -10.69 -15.27
C THR A 367 6.42 -11.13 -16.72
N GLN A 368 5.38 -11.03 -17.56
CA GLN A 368 5.50 -11.41 -18.99
C GLN A 368 6.61 -10.60 -19.65
N THR A 369 6.73 -9.30 -19.29
CA THR A 369 7.70 -8.44 -19.94
C THR A 369 9.05 -8.45 -19.23
N ASP A 370 9.17 -9.33 -18.23
CA ASP A 370 10.36 -9.55 -17.41
C ASP A 370 10.95 -8.24 -16.87
N GLY A 371 10.14 -7.38 -16.26
CA GLY A 371 10.66 -6.15 -15.65
C GLY A 371 10.65 -4.90 -16.53
N PHE A 372 10.38 -5.07 -17.83
CA PHE A 372 10.23 -3.87 -18.69
C PHE A 372 8.88 -3.19 -18.68
N SER A 373 8.91 -1.88 -18.43
CA SER A 373 7.75 -1.01 -18.68
C SER A 373 8.24 0.43 -18.66
N SER A 374 7.51 1.32 -19.31
CA SER A 374 7.89 2.70 -19.31
C SER A 374 7.99 3.18 -17.89
N ALA A 375 6.91 2.97 -17.11
CA ALA A 375 6.78 3.37 -15.72
C ALA A 375 7.92 2.82 -14.79
N TRP A 376 8.41 1.62 -15.08
CA TRP A 376 9.40 0.98 -14.27
C TRP A 376 10.84 1.36 -14.64
N THR A 377 11.02 2.08 -15.76
CA THR A 377 12.33 2.36 -16.34
C THR A 377 12.55 3.87 -16.50
N VAL A 378 11.63 4.59 -17.14
CA VAL A 378 11.79 6.00 -17.38
C VAL A 378 10.60 6.85 -16.92
N PRO A 379 10.20 6.73 -15.63
CA PRO A 379 9.23 7.66 -15.15
C PRO A 379 9.87 9.03 -15.03
N PHE A 380 9.06 10.05 -14.73
CA PHE A 380 9.63 11.35 -14.39
C PHE A 380 10.64 11.14 -13.26
N ALA A 381 11.82 11.76 -13.40
CA ALA A 381 12.95 11.66 -12.46
C ALA A 381 13.46 10.22 -12.30
N SER A 382 13.27 9.36 -13.30
CA SER A 382 13.89 8.04 -13.28
C SER A 382 15.37 8.15 -12.97
N ARG A 383 15.90 7.09 -12.36
CA ARG A 383 17.32 6.92 -12.17
C ARG A 383 17.76 5.45 -12.39
N LEU A 384 18.94 5.35 -13.01
CA LEU A 384 19.68 4.16 -13.17
C LEU A 384 21.01 4.37 -12.39
N TYR A 385 21.42 3.38 -11.58
CA TYR A 385 22.76 3.41 -10.91
C TYR A 385 23.58 2.24 -11.39
N VAL A 386 24.79 2.53 -11.85
CA VAL A 386 25.71 1.45 -12.13
C VAL A 386 26.80 1.46 -11.01
N GLU A 387 26.96 0.32 -10.36
CA GLU A 387 27.92 0.15 -9.28
C GLU A 387 28.98 -0.79 -9.69
N MET A 388 30.18 -0.44 -9.29
CA MET A 388 31.27 -1.38 -9.26
C MET A 388 31.63 -1.58 -7.77
N MET A 389 31.89 -2.81 -7.35
CA MET A 389 32.17 -3.11 -5.93
C MET A 389 33.26 -4.12 -5.82
N GLN A 390 33.99 -4.08 -4.70
CA GLN A 390 35.10 -5.01 -4.47
C GLN A 390 34.71 -5.92 -3.30
N CYS A 391 34.84 -7.23 -3.50
CA CYS A 391 34.41 -8.17 -2.47
C CYS A 391 35.53 -9.08 -1.98
N GLN A 392 35.30 -9.58 -0.76
CA GLN A 392 36.21 -10.47 -0.01
C GLN A 392 36.76 -11.59 -0.88
N ALA A 393 35.87 -12.45 -1.38
CA ALA A 393 36.30 -13.72 -2.03
C ALA A 393 36.77 -13.60 -3.51
N GLU A 394 36.75 -12.38 -4.06
CA GLU A 394 36.94 -12.16 -5.50
C GLU A 394 37.98 -11.05 -5.78
N GLN A 395 38.95 -11.35 -6.63
CA GLN A 395 39.97 -10.37 -6.95
C GLN A 395 39.43 -9.27 -7.87
N GLU A 396 38.38 -9.59 -8.62
CA GLU A 396 37.92 -8.69 -9.66
C GLU A 396 36.78 -7.80 -9.19
N PRO A 397 36.69 -6.58 -9.75
CA PRO A 397 35.53 -5.80 -9.41
C PRO A 397 34.26 -6.45 -10.00
N LEU A 398 33.17 -6.34 -9.27
CA LEU A 398 31.88 -6.86 -9.65
C LEU A 398 30.96 -5.66 -9.99
N VAL A 399 30.25 -5.75 -11.14
CA VAL A 399 29.37 -4.67 -11.63
C VAL A 399 27.96 -5.01 -11.20
N ARG A 400 27.19 -4.03 -10.78
CA ARG A 400 25.78 -4.28 -10.44
C ARG A 400 25.03 -3.09 -10.95
N VAL A 401 23.79 -3.34 -11.39
CA VAL A 401 22.96 -2.28 -11.96
C VAL A 401 21.60 -2.18 -11.24
N LEU A 402 21.20 -0.97 -10.82
CA LEU A 402 19.81 -0.80 -10.31
C LEU A 402 19.00 0.15 -11.18
N VAL A 403 17.75 -0.22 -11.45
CA VAL A 403 16.81 0.58 -12.21
C VAL A 403 15.63 0.97 -11.35
N ASN A 404 15.65 2.25 -10.98
CA ASN A 404 14.69 2.78 -10.05
C ASN A 404 14.59 1.98 -8.74
N ASP A 405 15.76 1.60 -8.24
CA ASP A 405 15.94 0.89 -6.96
C ASP A 405 15.72 -0.60 -7.07
N ARG A 406 15.46 -1.09 -8.27
CA ARG A 406 15.32 -2.53 -8.49
C ARG A 406 16.66 -3.04 -9.03
N VAL A 407 17.23 -4.01 -8.34
CA VAL A 407 18.41 -4.72 -8.88
C VAL A 407 17.97 -5.43 -10.17
N VAL A 408 18.68 -5.18 -11.28
CA VAL A 408 18.37 -5.82 -12.58
C VAL A 408 19.55 -6.66 -12.97
N PRO A 409 19.37 -8.02 -13.04
CA PRO A 409 20.45 -8.93 -13.30
C PRO A 409 21.09 -8.70 -14.66
N LEU A 410 22.38 -8.52 -14.71
CA LEU A 410 23.04 -8.32 -15.99
C LEU A 410 22.84 -9.50 -17.00
N HIS A 411 22.97 -9.19 -18.30
CA HIS A 411 22.89 -10.17 -19.35
C HIS A 411 24.21 -10.15 -20.15
N GLY A 412 24.52 -11.27 -20.79
CA GLY A 412 25.68 -11.30 -21.69
C GLY A 412 26.95 -11.75 -21.00
N CYS A 413 26.82 -12.08 -19.70
CA CYS A 413 27.98 -12.42 -18.85
C CYS A 413 27.50 -13.39 -17.79
N PRO A 414 28.41 -14.17 -17.18
CA PRO A 414 27.90 -15.09 -16.15
C PRO A 414 27.44 -14.37 -14.89
N VAL A 415 26.15 -14.06 -14.80
CA VAL A 415 25.63 -13.46 -13.57
C VAL A 415 25.55 -14.36 -12.42
N ASP A 416 25.83 -13.83 -11.23
CA ASP A 416 25.72 -14.56 -9.99
C ASP A 416 24.32 -14.31 -9.43
N ALA A 417 23.99 -14.87 -8.28
CA ALA A 417 22.60 -14.78 -7.74
C ALA A 417 22.36 -13.43 -7.14
N LEU A 418 23.39 -12.58 -7.14
CA LEU A 418 23.18 -11.25 -6.61
C LEU A 418 23.04 -10.21 -7.72
N GLY A 419 22.98 -10.67 -8.98
CA GLY A 419 22.69 -9.82 -10.15
C GLY A 419 23.94 -9.33 -10.83
N ARG A 420 25.11 -9.76 -10.37
CA ARG A 420 26.35 -9.12 -10.75
C ARG A 420 27.19 -9.95 -11.67
N CYS A 421 28.12 -9.32 -12.35
CA CYS A 421 29.13 -10.10 -13.14
C CYS A 421 30.45 -9.44 -12.90
N THR A 422 31.55 -10.14 -13.17
CA THR A 422 32.78 -9.44 -13.07
C THR A 422 32.85 -8.36 -14.15
N ARG A 423 33.51 -7.25 -13.86
CA ARG A 423 33.75 -6.21 -14.82
C ARG A 423 34.21 -6.71 -16.19
N ASP A 424 35.24 -7.55 -16.19
CA ASP A 424 35.87 -8.01 -17.43
C ASP A 424 34.89 -8.81 -18.30
N SER A 425 34.08 -9.64 -17.65
CA SER A 425 33.07 -10.42 -18.37
C SER A 425 31.87 -9.55 -18.78
N PHE A 426 31.52 -8.53 -17.97
CA PHE A 426 30.44 -7.63 -18.32
C PHE A 426 30.80 -6.84 -19.57
N VAL A 427 32.03 -6.33 -19.62
CA VAL A 427 32.50 -5.56 -20.77
C VAL A 427 32.59 -6.40 -22.05
N ARG A 428 33.12 -7.60 -21.91
CA ARG A 428 33.13 -8.54 -22.99
C ARG A 428 31.70 -8.84 -23.47
N GLY A 429 30.75 -9.03 -22.56
CA GLY A 429 29.34 -9.15 -22.95
C GLY A 429 28.77 -8.04 -23.87
N LEU A 430 29.34 -6.84 -23.78
CA LEU A 430 28.77 -5.68 -24.48
C LEU A 430 29.37 -5.52 -25.86
N SER A 431 29.55 -6.68 -26.51
CA SER A 431 30.05 -6.76 -27.87
C SER A 431 29.21 -6.02 -28.88
N PHE A 432 27.90 -5.90 -28.65
CA PHE A 432 27.05 -5.14 -29.56
C PHE A 432 27.49 -3.68 -29.52
N ALA A 433 27.44 -3.07 -28.33
CA ALA A 433 28.01 -1.69 -28.22
C ALA A 433 29.50 -1.67 -28.65
N ARG A 434 30.32 -2.64 -28.26
CA ARG A 434 31.75 -2.48 -28.65
C ARG A 434 31.99 -2.44 -30.17
N SER A 435 31.12 -3.11 -30.92
CA SER A 435 31.26 -3.16 -32.39
C SER A 435 30.61 -1.98 -33.09
N GLY A 436 30.03 -1.08 -32.31
CA GLY A 436 29.25 0.05 -32.85
C GLY A 436 27.77 -0.30 -33.15
N GLY A 437 27.28 -1.42 -32.63
CA GLY A 437 25.91 -1.84 -32.94
C GLY A 437 25.57 -1.67 -34.43
N ASP A 438 24.42 -1.10 -34.76
CA ASP A 438 23.98 -1.02 -36.17
C ASP A 438 24.09 0.38 -36.66
N TRP A 439 25.05 1.11 -36.10
CA TRP A 439 25.20 2.49 -36.44
C TRP A 439 25.51 2.68 -37.95
N ALA A 440 26.22 1.72 -38.56
CA ALA A 440 26.53 1.76 -40.03
C ALA A 440 25.22 1.88 -40.89
N GLU A 441 24.11 1.32 -40.37
CA GLU A 441 22.81 1.44 -41.01
C GLU A 441 22.08 2.78 -40.84
N CYS A 442 22.69 3.74 -40.17
CA CYS A 442 22.03 5.04 -39.97
C CYS A 442 21.94 5.80 -41.29
N PHE A 443 22.73 5.33 -42.25
CA PHE A 443 22.99 6.03 -43.51
C PHE A 443 22.65 5.12 -44.74
N ALA A 444 22.94 3.83 -44.73
CA ALA A 444 22.37 2.96 -45.81
C ALA A 444 20.99 2.36 -45.44
N SER B 7 8.70 -0.45 19.06
CA SER B 7 8.75 0.71 18.14
C SER B 7 7.54 0.75 17.14
N CYS B 8 7.31 -0.33 16.38
CA CYS B 8 6.16 -0.42 15.46
C CYS B 8 4.93 -1.04 16.16
N ASP B 9 5.16 -1.48 17.38
CA ASP B 9 4.13 -2.05 18.19
C ASP B 9 4.08 -1.30 19.52
N THR B 10 3.03 -0.51 19.73
CA THR B 10 2.90 0.34 20.94
C THR B 10 1.57 0.22 21.67
N VAL B 11 1.49 0.75 22.88
CA VAL B 11 0.23 0.79 23.63
C VAL B 11 -0.76 1.57 22.81
N ASP B 12 -0.31 2.66 22.23
CA ASP B 12 -1.27 3.56 21.68
C ASP B 12 -1.71 3.28 20.26
N GLN B 13 -0.76 2.86 19.45
CA GLN B 13 -1.03 2.68 18.05
C GLN B 13 -1.25 1.22 17.67
N GLY B 14 -1.01 0.31 18.61
CA GLY B 14 -1.22 -1.10 18.42
C GLY B 14 -0.13 -1.63 17.52
N TYR B 15 -0.47 -2.62 16.70
CA TYR B 15 0.52 -3.37 15.93
C TYR B 15 0.66 -2.80 14.55
N GLN B 16 1.68 -1.99 14.33
CA GLN B 16 1.84 -1.31 13.04
C GLN B 16 3.02 -1.90 12.29
N CYS B 17 3.49 -3.04 12.76
CA CYS B 17 4.62 -3.73 12.13
C CYS B 17 4.10 -4.46 10.89
N PHE B 18 4.88 -4.41 9.81
CA PHE B 18 4.59 -5.14 8.57
C PHE B 18 3.15 -4.94 8.14
N SER B 19 2.71 -3.70 8.14
CA SER B 19 1.29 -3.41 8.12
C SER B 19 0.68 -3.70 6.74
N GLU B 20 1.54 -3.73 5.72
CA GLU B 20 1.14 -4.10 4.35
C GLU B 20 0.61 -5.57 4.29
N THR B 21 1.02 -6.41 5.23
CA THR B 21 0.56 -7.79 5.31
C THR B 21 -0.32 -8.01 6.55
N SER B 22 0.19 -7.58 7.71
CA SER B 22 -0.42 -7.90 8.99
C SER B 22 -1.81 -7.28 9.11
N HIS B 23 -2.03 -6.19 8.40
CA HIS B 23 -3.32 -5.50 8.46
C HIS B 23 -4.42 -6.13 7.63
N LEU B 24 -4.09 -7.18 6.87
CA LEU B 24 -5.05 -7.78 5.93
C LEU B 24 -5.28 -9.21 6.38
N TRP B 25 -5.12 -9.47 7.68
CA TRP B 25 -5.47 -10.80 8.13
C TRP B 25 -6.90 -10.84 8.65
N GLY B 26 -7.70 -9.84 8.35
CA GLY B 26 -9.04 -9.79 8.94
C GLY B 26 -9.05 -9.90 10.47
N GLN B 27 -9.93 -10.74 11.00
CA GLN B 27 -10.10 -10.96 12.42
C GLN B 27 -8.93 -11.71 13.03
N TYR B 28 -7.99 -12.08 12.17
CA TYR B 28 -6.70 -12.53 12.65
C TYR B 28 -5.63 -11.43 12.64
N ALA B 29 -6.01 -10.19 12.30
CA ALA B 29 -5.12 -9.05 12.46
C ALA B 29 -4.98 -8.70 13.94
N PRO B 30 -3.75 -8.44 14.37
CA PRO B 30 -3.59 -7.94 15.74
C PRO B 30 -4.14 -6.52 15.73
N PHE B 31 -4.84 -6.14 16.81
CA PHE B 31 -5.30 -4.74 16.93
C PHE B 31 -4.28 -3.74 16.37
N PHE B 32 -4.77 -2.81 15.56
CA PHE B 32 -3.96 -1.66 15.10
C PHE B 32 -4.90 -0.47 15.10
N SER B 33 -4.40 0.68 15.55
CA SER B 33 -5.23 1.86 15.76
C SER B 33 -5.56 2.51 14.45
N LEU B 34 -6.81 2.91 14.34
CA LEU B 34 -7.29 3.55 13.12
C LEU B 34 -7.44 5.05 13.33
N ALA B 35 -6.82 5.57 14.40
CA ALA B 35 -7.00 6.99 14.78
C ALA B 35 -6.66 7.91 13.63
N ASN B 36 -5.59 7.57 12.90
CA ASN B 36 -5.09 8.45 11.87
CA ASN B 36 -5.00 8.34 11.81
C ASN B 36 -5.80 8.26 10.53
N GLU B 37 -6.76 7.31 10.50
CA GLU B 37 -7.68 7.06 9.37
C GLU B 37 -9.06 7.60 9.69
N SER B 38 -9.23 8.16 10.90
CA SER B 38 -10.48 8.86 11.27
C SER B 38 -10.58 10.25 10.64
N VAL B 39 -11.64 10.50 9.90
CA VAL B 39 -11.82 11.83 9.29
C VAL B 39 -12.21 12.82 10.33
N ILE B 40 -13.00 12.35 11.30
CA ILE B 40 -13.40 13.14 12.43
C ILE B 40 -12.38 12.90 13.58
N SER B 41 -12.03 13.97 14.28
CA SER B 41 -11.04 13.89 15.33
C SER B 41 -11.60 13.15 16.54
N PRO B 42 -10.77 12.30 17.15
CA PRO B 42 -11.23 11.52 18.33
C PRO B 42 -11.13 12.30 19.62
N GLU B 43 -10.45 13.43 19.59
CA GLU B 43 -10.36 14.28 20.76
C GLU B 43 -11.73 14.71 21.22
N VAL B 44 -11.86 14.87 22.54
CA VAL B 44 -13.04 15.47 23.13
C VAL B 44 -13.06 16.91 22.64
N PRO B 45 -14.21 17.37 22.14
CA PRO B 45 -14.27 18.72 21.60
C PRO B 45 -14.27 19.78 22.70
N ALA B 46 -13.82 20.97 22.34
CA ALA B 46 -13.70 22.05 23.29
C ALA B 46 -15.08 22.40 23.86
N GLY B 47 -15.17 22.60 25.17
CA GLY B 47 -16.46 22.89 25.79
C GLY B 47 -17.20 21.63 26.21
N CYS B 48 -16.68 20.49 25.80
CA CYS B 48 -17.32 19.21 26.10
C CYS B 48 -16.63 18.41 27.20
N ARG B 49 -17.44 17.75 28.02
CA ARG B 49 -16.93 16.85 29.04
CA ARG B 49 -16.86 16.79 28.94
C ARG B 49 -17.53 15.43 28.91
N VAL B 50 -16.71 14.40 28.83
CA VAL B 50 -17.20 13.00 28.90
C VAL B 50 -17.75 12.63 30.29
N THR B 51 -18.97 12.10 30.31
CA THR B 51 -19.66 11.71 31.51
C THR B 51 -20.08 10.22 31.53
N PHE B 52 -19.68 9.46 30.49
CA PHE B 52 -19.98 8.03 30.36
C PHE B 52 -18.96 7.36 29.43
N ALA B 53 -18.47 6.20 29.77
CA ALA B 53 -17.63 5.48 28.81
C ALA B 53 -17.82 4.00 29.00
N GLN B 54 -18.27 3.31 27.95
CA GLN B 54 -18.40 1.83 27.91
C GLN B 54 -17.40 1.31 26.88
N VAL B 55 -16.65 0.28 27.24
CA VAL B 55 -15.78 -0.39 26.26
C VAL B 55 -16.30 -1.82 26.07
N LEU B 56 -16.45 -2.26 24.83
CA LEU B 56 -16.74 -3.66 24.51
C LEU B 56 -15.46 -4.14 23.84
N SER B 57 -14.80 -5.17 24.37
CA SER B 57 -13.47 -5.51 23.88
C SER B 57 -13.51 -6.98 23.49
N ARG B 58 -12.78 -7.35 22.44
CA ARG B 58 -12.53 -8.75 22.10
C ARG B 58 -11.35 -9.28 22.91
N HIS B 59 -11.18 -10.62 23.02
CA HIS B 59 -10.07 -11.18 23.74
C HIS B 59 -8.88 -10.93 22.90
N GLY B 60 -7.68 -11.21 23.41
CA GLY B 60 -6.50 -10.87 22.65
C GLY B 60 -6.07 -11.95 21.68
N ALA B 61 -4.96 -11.73 20.96
CA ALA B 61 -4.39 -12.70 20.05
C ALA B 61 -4.32 -14.06 20.73
N ARG B 62 -4.75 -15.10 20.04
CA ARG B 62 -4.74 -16.43 20.61
C ARG B 62 -3.99 -17.43 19.70
N TYR B 63 -3.79 -18.62 20.24
CA TYR B 63 -3.46 -19.78 19.46
C TYR B 63 -4.70 -20.27 18.69
N PRO B 64 -4.46 -21.09 17.63
CA PRO B 64 -5.60 -21.66 16.85
C PRO B 64 -6.47 -22.52 17.73
N THR B 65 -7.75 -22.62 17.45
CA THR B 65 -8.55 -23.57 18.19
C THR B 65 -7.95 -24.98 18.03
N ASP B 66 -8.36 -25.92 18.89
CA ASP B 66 -7.75 -27.25 18.87
C ASP B 66 -8.01 -27.96 17.54
N SER B 67 -9.28 -27.95 17.11
CA SER B 67 -9.71 -28.33 15.78
C SER B 67 -8.80 -27.82 14.66
N LYS B 68 -8.69 -26.48 14.52
CA LYS B 68 -7.96 -25.90 13.43
C LYS B 68 -6.49 -26.21 13.55
N GLY B 69 -6.02 -26.24 14.78
CA GLY B 69 -4.64 -26.53 15.07
C GLY B 69 -4.23 -27.94 14.64
N LYS B 70 -5.12 -28.92 14.85
CA LYS B 70 -4.90 -30.30 14.37
C LYS B 70 -4.81 -30.37 12.83
N LYS B 71 -5.70 -29.66 12.16
CA LYS B 71 -5.70 -29.59 10.70
C LYS B 71 -4.47 -28.85 10.17
N TYR B 72 -4.06 -27.75 10.80
CA TYR B 72 -2.84 -27.06 10.36
C TYR B 72 -1.62 -28.01 10.45
N SER B 73 -1.57 -28.69 11.59
CA SER B 73 -0.46 -29.53 11.97
C SER B 73 -0.40 -30.75 11.01
N ALA B 74 -1.56 -31.39 10.78
CA ALA B 74 -1.65 -32.52 9.82
C ALA B 74 -1.28 -32.10 8.41
N LEU B 75 -1.74 -30.92 7.98
CA LEU B 75 -1.45 -30.46 6.62
C LEU B 75 0.05 -30.28 6.43
N ILE B 76 0.73 -29.75 7.44
CA ILE B 76 2.14 -29.48 7.30
C ILE B 76 2.97 -30.76 7.26
N GLU B 77 2.61 -31.75 8.08
CA GLU B 77 3.22 -33.06 7.97
C GLU B 77 3.10 -33.60 6.54
N GLU B 78 1.86 -33.68 6.05
CA GLU B 78 1.59 -34.15 4.68
C GLU B 78 2.44 -33.43 3.64
N ILE B 79 2.53 -32.11 3.75
CA ILE B 79 3.44 -31.39 2.88
C ILE B 79 4.88 -31.90 3.02
N GLN B 80 5.27 -32.26 4.24
CA GLN B 80 6.64 -32.72 4.51
C GLN B 80 6.88 -34.14 4.01
N GLN B 81 5.87 -35.00 4.12
CA GLN B 81 5.99 -36.37 3.63
C GLN B 81 6.05 -36.47 2.10
N ASN B 82 5.44 -35.51 1.41
CA ASN B 82 5.14 -35.64 -0.02
C ASN B 82 6.07 -34.87 -0.93
N ALA B 83 6.36 -33.64 -0.56
CA ALA B 83 7.12 -32.75 -1.43
C ALA B 83 8.57 -33.20 -1.63
N THR B 84 9.14 -32.81 -2.76
CA THR B 84 10.52 -33.18 -3.07
C THR B 84 11.39 -31.92 -3.12
N THR B 85 10.84 -30.86 -3.70
CA THR B 85 11.54 -29.59 -3.78
C THR B 85 11.06 -28.58 -2.72
N PHE B 86 11.87 -28.38 -1.68
CA PHE B 86 11.64 -27.24 -0.82
C PHE B 86 12.69 -26.22 -1.14
N ASP B 87 12.45 -25.36 -2.13
CA ASP B 87 13.43 -24.31 -2.36
C ASP B 87 12.92 -22.87 -2.48
N GLY B 88 13.86 -21.92 -2.50
CA GLY B 88 13.56 -20.49 -2.28
C GLY B 88 12.73 -20.25 -1.03
N LYS B 89 11.68 -19.44 -1.21
CA LYS B 89 10.72 -19.13 -0.14
C LYS B 89 10.12 -20.36 0.57
N TYR B 90 10.24 -21.54 -0.03
CA TYR B 90 9.64 -22.75 0.53
C TYR B 90 10.57 -23.52 1.43
N ALA B 91 11.86 -23.16 1.45
CA ALA B 91 12.87 -23.99 2.10
C ALA B 91 12.57 -24.30 3.55
N PHE B 92 12.00 -23.31 4.24
CA PHE B 92 11.70 -23.37 5.69
C PHE B 92 10.79 -24.51 6.05
N LEU B 93 9.99 -24.91 5.06
CA LEU B 93 8.97 -25.93 5.26
C LEU B 93 9.50 -27.34 5.44
N LYS B 94 10.76 -27.58 5.07
CA LYS B 94 11.28 -28.95 5.23
C LYS B 94 11.38 -29.32 6.71
N THR B 95 11.79 -28.34 7.51
CA THR B 95 12.03 -28.52 8.94
C THR B 95 10.97 -27.95 9.87
N TYR B 96 10.08 -27.12 9.35
CA TYR B 96 9.14 -26.43 10.21
C TYR B 96 8.59 -27.41 11.24
N ASN B 97 8.58 -26.99 12.50
CA ASN B 97 8.17 -27.88 13.57
C ASN B 97 6.99 -27.22 14.27
N TYR B 98 5.81 -27.74 13.98
CA TYR B 98 4.60 -27.18 14.52
C TYR B 98 4.60 -27.39 16.01
N SER B 99 4.62 -26.26 16.75
CA SER B 99 4.54 -26.32 18.21
C SER B 99 3.69 -25.20 18.85
N LEU B 100 2.88 -24.53 18.04
CA LEU B 100 1.75 -23.71 18.55
C LEU B 100 0.93 -24.43 19.62
N GLY B 101 0.46 -23.64 20.59
CA GLY B 101 -0.46 -24.14 21.59
C GLY B 101 -1.82 -24.05 20.97
N ALA B 102 -2.85 -24.20 21.81
CA ALA B 102 -4.23 -24.28 21.37
C ALA B 102 -5.21 -23.48 22.26
N ASP B 103 -6.14 -22.75 21.62
CA ASP B 103 -7.25 -21.99 22.27
C ASP B 103 -6.87 -20.76 23.11
N ASP B 104 -5.82 -20.90 23.90
CA ASP B 104 -5.41 -19.94 24.91
C ASP B 104 -4.83 -18.71 24.24
N LEU B 105 -4.85 -17.60 24.97
CA LEU B 105 -4.13 -16.39 24.63
C LEU B 105 -2.61 -16.61 24.47
N THR B 106 -1.97 -15.97 23.52
CA THR B 106 -0.50 -16.00 23.43
C THR B 106 0.13 -14.90 24.35
N PRO B 107 1.45 -14.95 24.64
CA PRO B 107 2.03 -13.84 25.40
C PRO B 107 1.71 -12.50 24.75
N PHE B 108 1.79 -12.46 23.44
CA PHE B 108 1.42 -11.24 22.69
C PHE B 108 -0.03 -10.79 22.97
N GLY B 109 -0.96 -11.73 22.96
CA GLY B 109 -2.36 -11.40 23.14
C GLY B 109 -2.61 -10.88 24.54
N GLU B 110 -1.91 -11.45 25.51
CA GLU B 110 -1.93 -10.97 26.88
C GLU B 110 -1.59 -9.49 26.97
N GLN B 111 -0.48 -9.15 26.35
CA GLN B 111 0.03 -7.85 26.42
C GLN B 111 -0.85 -6.87 25.66
N GLU B 112 -1.55 -7.33 24.64
CA GLU B 112 -2.42 -6.46 23.91
C GLU B 112 -3.51 -5.98 24.88
N LEU B 113 -3.95 -6.88 25.75
CA LEU B 113 -5.08 -6.49 26.59
C LEU B 113 -4.61 -5.68 27.78
N VAL B 114 -3.34 -5.83 28.19
CA VAL B 114 -2.75 -5.00 29.25
C VAL B 114 -2.71 -3.61 28.64
N ASN B 115 -2.07 -3.49 27.47
CA ASN B 115 -2.12 -2.25 26.70
C ASN B 115 -3.51 -1.61 26.53
N SER B 116 -4.49 -2.41 26.19
CA SER B 116 -5.82 -1.88 26.05
C SER B 116 -6.32 -1.27 27.40
N GLY B 117 -6.03 -1.93 28.53
CA GLY B 117 -6.40 -1.39 29.85
C GLY B 117 -5.69 -0.07 30.17
N ILE B 118 -4.38 0.01 29.87
CA ILE B 118 -3.64 1.23 29.97
C ILE B 118 -4.29 2.33 29.15
N LYS B 119 -4.55 2.03 27.88
CA LYS B 119 -5.15 3.01 26.99
C LYS B 119 -6.53 3.45 27.48
N PHE B 120 -7.36 2.53 27.95
CA PHE B 120 -8.70 2.99 28.38
C PHE B 120 -8.58 3.84 29.68
N TYR B 121 -7.72 3.41 30.62
CA TYR B 121 -7.47 4.20 31.84
C TYR B 121 -7.08 5.66 31.49
N GLN B 122 -6.11 5.83 30.63
CA GLN B 122 -5.61 7.13 30.25
C GLN B 122 -6.61 7.99 29.51
N ARG B 123 -7.26 7.43 28.51
CA ARG B 123 -8.17 8.21 27.70
C ARG B 123 -9.29 8.83 28.57
N TYR B 124 -9.79 8.09 29.54
CA TYR B 124 -10.92 8.55 30.37
C TYR B 124 -10.48 8.81 31.85
N GLU B 125 -9.17 9.08 32.01
CA GLU B 125 -8.54 9.43 33.32
C GLU B 125 -9.34 10.39 34.23
N SER B 126 -10.06 11.35 33.63
CA SER B 126 -10.73 12.27 34.49
C SER B 126 -11.94 11.62 35.21
N LEU B 127 -12.30 10.40 34.77
CA LEU B 127 -13.23 9.51 35.47
C LEU B 127 -12.62 8.24 36.04
N THR B 128 -11.60 7.68 35.36
CA THR B 128 -11.05 6.44 35.82
C THR B 128 -10.24 6.63 37.15
N ARG B 129 -9.90 7.90 37.45
CA ARG B 129 -9.17 8.16 38.68
C ARG B 129 -9.96 7.82 39.94
N ASN B 130 -11.27 7.91 39.89
CA ASN B 130 -12.05 7.60 41.11
C ASN B 130 -13.31 6.76 40.89
N ILE B 131 -13.51 6.26 39.66
CA ILE B 131 -14.67 5.40 39.37
C ILE B 131 -14.21 4.01 38.91
N VAL B 132 -14.62 3.01 39.65
CA VAL B 132 -14.28 1.61 39.33
C VAL B 132 -15.32 1.11 38.31
N PRO B 133 -14.86 0.77 37.09
CA PRO B 133 -15.75 0.22 36.05
C PRO B 133 -16.56 -1.00 36.52
N PHE B 134 -17.80 -1.11 36.08
CA PHE B 134 -18.49 -2.34 36.31
C PHE B 134 -18.17 -3.22 35.08
N ILE B 135 -17.79 -4.47 35.35
CA ILE B 135 -17.15 -5.31 34.30
C ILE B 135 -17.78 -6.65 34.05
N ARG B 136 -18.10 -6.93 32.79
CA ARG B 136 -18.61 -8.27 32.41
C ARG B 136 -17.74 -9.03 31.42
N SER B 137 -17.81 -10.34 31.48
CA SER B 137 -17.07 -11.12 30.52
C SER B 137 -17.85 -12.34 30.13
N SER B 138 -17.82 -12.69 28.85
CA SER B 138 -18.46 -13.94 28.38
C SER B 138 -17.67 -15.10 28.95
N GLY B 139 -18.33 -16.22 29.23
CA GLY B 139 -17.60 -17.31 29.90
C GLY B 139 -16.80 -18.19 28.95
N SER B 140 -15.58 -17.78 28.64
CA SER B 140 -14.67 -18.58 27.80
C SER B 140 -13.32 -18.25 28.34
N SER B 141 -12.47 -19.26 28.53
CA SER B 141 -11.19 -18.99 29.22
C SER B 141 -10.47 -17.81 28.66
N ARG B 142 -10.37 -17.71 27.34
CA ARG B 142 -9.54 -16.67 26.72
C ARG B 142 -10.18 -15.27 26.86
N VAL B 143 -11.49 -15.26 27.09
CA VAL B 143 -12.21 -14.01 27.17
C VAL B 143 -11.99 -13.41 28.57
N ILE B 144 -12.23 -14.27 29.57
CA ILE B 144 -11.88 -14.09 30.96
C ILE B 144 -10.44 -13.70 31.20
N ALA B 145 -9.48 -14.48 30.71
CA ALA B 145 -8.08 -14.10 30.90
C ALA B 145 -7.83 -12.70 30.37
N SER B 146 -8.54 -12.37 29.31
CA SER B 146 -8.40 -11.09 28.67
C SER B 146 -9.02 -9.99 29.55
N GLY B 147 -10.27 -10.16 30.00
CA GLY B 147 -10.79 -9.28 31.07
C GLY B 147 -9.69 -9.00 32.12
N LYS B 148 -9.08 -10.04 32.67
CA LYS B 148 -8.13 -9.85 33.76
C LYS B 148 -6.85 -9.14 33.33
N LYS B 149 -6.33 -9.37 32.12
CA LYS B 149 -5.18 -8.63 31.65
C LYS B 149 -5.52 -7.17 31.44
N PHE B 150 -6.73 -6.91 31.02
CA PHE B 150 -7.11 -5.51 30.75
C PHE B 150 -7.13 -4.85 32.15
N ILE B 151 -7.72 -5.53 33.15
CA ILE B 151 -7.78 -4.96 34.49
C ILE B 151 -6.38 -4.74 35.05
N GLU B 152 -5.50 -5.71 34.82
CA GLU B 152 -4.10 -5.55 35.20
C GLU B 152 -3.49 -4.24 34.75
N GLY B 153 -3.64 -3.88 33.48
CA GLY B 153 -2.93 -2.72 32.97
C GLY B 153 -3.61 -1.44 33.43
N PHE B 154 -4.92 -1.49 33.51
CA PHE B 154 -5.73 -0.44 34.08
C PHE B 154 -5.28 -0.14 35.50
N GLN B 155 -5.21 -1.16 36.35
CA GLN B 155 -4.80 -1.01 37.76
C GLN B 155 -3.34 -0.50 37.86
N SER B 156 -2.39 -1.05 37.07
CA SER B 156 -1.02 -0.52 37.03
C SER B 156 -1.00 0.96 36.78
N THR B 157 -1.88 1.44 35.92
CA THR B 157 -1.85 2.84 35.51
C THR B 157 -2.49 3.72 36.57
N LYS B 158 -3.65 3.30 37.10
CA LYS B 158 -4.25 4.02 38.23
C LYS B 158 -3.19 4.22 39.37
N LEU B 159 -2.40 3.20 39.72
CA LEU B 159 -1.37 3.29 40.77
C LEU B 159 -0.32 4.36 40.53
N LYS B 160 -0.01 4.62 39.27
CA LYS B 160 0.98 5.63 38.95
C LYS B 160 0.39 7.01 38.75
N ASP B 161 -0.91 7.14 38.95
CA ASP B 161 -1.55 8.37 38.60
C ASP B 161 -1.64 9.21 39.87
N PRO B 162 -1.01 10.39 39.88
CA PRO B 162 -0.98 11.26 41.07
C PRO B 162 -2.37 11.78 41.45
N ARG B 163 -3.28 11.80 40.47
CA ARG B 163 -4.65 12.26 40.65
C ARG B 163 -5.62 11.18 41.07
N ALA B 164 -5.20 9.93 41.07
CA ALA B 164 -6.08 8.83 41.35
C ALA B 164 -6.45 8.79 42.82
N GLN B 165 -7.71 8.54 43.16
CA GLN B 165 -8.07 8.32 44.54
C GLN B 165 -7.71 6.88 44.97
N PRO B 166 -6.63 6.72 45.77
CA PRO B 166 -6.05 5.41 46.21
C PRO B 166 -6.87 4.61 47.22
N GLY B 167 -6.48 3.33 47.38
CA GLY B 167 -7.25 2.33 48.17
C GLY B 167 -8.76 2.23 47.89
N GLN B 168 -9.12 2.29 46.60
CA GLN B 168 -10.49 1.98 46.19
C GLN B 168 -10.62 0.47 46.01
N SER B 169 -11.83 -0.09 45.97
CA SER B 169 -11.86 -1.55 45.67
C SER B 169 -11.21 -1.79 44.31
N SER B 170 -10.68 -2.98 44.11
CA SER B 170 -10.11 -3.35 42.81
C SER B 170 -11.20 -3.39 41.73
N PRO B 171 -10.84 -3.01 40.48
CA PRO B 171 -11.74 -3.46 39.40
C PRO B 171 -11.61 -4.98 39.28
N LYS B 172 -12.72 -5.68 39.01
CA LYS B 172 -12.67 -7.11 38.79
C LYS B 172 -13.79 -7.46 37.82
N ILE B 173 -13.81 -8.72 37.38
CA ILE B 173 -14.87 -9.22 36.57
C ILE B 173 -16.07 -9.48 37.48
N ASP B 174 -16.99 -8.56 37.42
CA ASP B 174 -18.16 -8.67 38.27
C ASP B 174 -19.09 -9.81 37.93
N VAL B 175 -19.26 -10.06 36.62
CA VAL B 175 -20.20 -11.08 36.10
C VAL B 175 -19.51 -11.81 34.94
N VAL B 176 -19.41 -13.12 35.10
CA VAL B 176 -18.99 -14.04 34.03
C VAL B 176 -20.30 -14.59 33.50
N ILE B 177 -20.65 -14.21 32.26
CA ILE B 177 -21.88 -14.69 31.64
C ILE B 177 -21.64 -16.06 30.98
N SER B 178 -22.50 -17.04 31.25
CA SER B 178 -22.33 -18.39 30.68
C SER B 178 -22.53 -18.51 29.16
N GLU B 179 -21.59 -19.19 28.51
CA GLU B 179 -21.72 -19.62 27.12
C GLU B 179 -22.48 -20.97 26.90
N ALA B 180 -22.95 -21.63 27.97
CA ALA B 180 -23.70 -22.88 27.77
C ALA B 180 -24.87 -22.55 26.83
N SER B 181 -25.43 -23.62 26.27
CA SER B 181 -26.41 -23.51 25.17
C SER B 181 -27.73 -22.97 25.65
N SER B 182 -28.06 -23.19 26.92
CA SER B 182 -29.28 -22.65 27.51
C SER B 182 -29.14 -21.20 28.03
N SER B 183 -27.91 -20.71 28.15
CA SER B 183 -27.61 -19.37 28.65
C SER B 183 -28.04 -18.16 27.75
N ASN B 184 -28.85 -17.24 28.29
CA ASN B 184 -29.06 -15.95 27.67
C ASN B 184 -27.79 -15.11 27.85
N ASN B 185 -27.00 -14.92 26.78
CA ASN B 185 -25.70 -14.21 26.81
C ASN B 185 -25.72 -13.05 25.77
N THR B 186 -25.86 -11.78 26.20
CA THR B 186 -26.01 -10.70 25.27
C THR B 186 -24.70 -10.48 24.54
N LEU B 187 -23.63 -11.05 25.10
CA LEU B 187 -22.27 -10.82 24.58
C LEU B 187 -21.98 -11.68 23.39
N ASP B 188 -22.63 -12.86 23.37
CA ASP B 188 -22.40 -13.84 22.30
C ASP B 188 -23.53 -14.84 22.39
N PRO B 189 -24.71 -14.51 21.78
CA PRO B 189 -25.89 -15.32 21.97
C PRO B 189 -25.79 -16.69 21.30
N GLY B 190 -26.28 -17.72 21.96
CA GLY B 190 -26.22 -19.07 21.38
C GLY B 190 -27.59 -19.73 21.36
N THR B 191 -28.63 -18.95 21.60
CA THR B 191 -29.97 -19.51 21.75
C THR B 191 -30.95 -19.29 20.57
N CYS B 192 -30.56 -18.54 19.55
CA CYS B 192 -31.40 -18.31 18.36
C CYS B 192 -31.29 -19.52 17.43
N THR B 193 -32.19 -20.49 17.60
CA THR B 193 -32.04 -21.80 16.94
C THR B 193 -31.87 -21.70 15.39
N VAL B 194 -32.73 -20.91 14.76
CA VAL B 194 -32.65 -20.77 13.34
C VAL B 194 -31.30 -20.16 12.94
N PHE B 195 -30.84 -19.10 13.63
CA PHE B 195 -29.58 -18.45 13.25
C PHE B 195 -28.39 -19.40 13.46
N GLU B 196 -28.42 -20.18 14.54
CA GLU B 196 -27.36 -21.14 14.75
C GLU B 196 -27.27 -22.14 13.58
N ASP B 197 -28.40 -22.41 12.93
CA ASP B 197 -28.44 -23.39 11.86
C ASP B 197 -28.01 -22.86 10.47
N SER B 198 -27.98 -21.53 10.31
CA SER B 198 -27.69 -20.84 9.03
C SER B 198 -26.46 -21.40 8.31
N GLU B 199 -26.48 -21.35 6.98
CA GLU B 199 -25.33 -21.81 6.20
C GLU B 199 -24.91 -20.74 5.20
N LEU B 200 -25.57 -19.59 5.24
CA LEU B 200 -25.29 -18.48 4.35
C LEU B 200 -23.79 -18.13 4.28
N ALA B 201 -23.06 -18.19 5.39
CA ALA B 201 -21.67 -17.77 5.39
C ALA B 201 -20.79 -18.76 4.66
N ASP B 202 -21.07 -20.05 4.86
CA ASP B 202 -20.34 -21.16 4.20
C ASP B 202 -20.46 -21.05 2.67
N THR B 203 -21.68 -20.83 2.21
CA THR B 203 -21.94 -20.62 0.78
C THR B 203 -21.12 -19.49 0.20
N VAL B 204 -21.27 -18.29 0.78
CA VAL B 204 -20.49 -17.12 0.40
C VAL B 204 -18.99 -17.37 0.48
N GLU B 205 -18.54 -18.03 1.55
CA GLU B 205 -17.14 -18.34 1.67
C GLU B 205 -16.70 -19.13 0.42
N ALA B 206 -17.41 -20.22 0.11
CA ALA B 206 -16.97 -21.10 -1.03
C ALA B 206 -17.12 -20.34 -2.34
N ASN B 207 -18.23 -19.65 -2.55
CA ASN B 207 -18.34 -18.96 -3.83
C ASN B 207 -17.15 -18.03 -4.03
N PHE B 208 -16.82 -17.18 -3.03
CA PHE B 208 -15.68 -16.26 -3.18
C PHE B 208 -14.35 -16.94 -3.19
N THR B 209 -14.15 -17.99 -2.39
CA THR B 209 -12.84 -18.61 -2.40
C THR B 209 -12.54 -19.23 -3.77
N ALA B 210 -13.60 -19.73 -4.44
CA ALA B 210 -13.46 -20.26 -5.79
C ALA B 210 -13.02 -19.22 -6.83
N THR B 211 -13.12 -17.92 -6.53
CA THR B 211 -12.62 -16.93 -7.48
C THR B 211 -11.14 -16.53 -7.40
N PHE B 212 -10.43 -16.92 -6.34
CA PHE B 212 -9.00 -16.53 -6.24
C PHE B 212 -8.11 -17.61 -5.68
N VAL B 213 -8.67 -18.53 -4.91
CA VAL B 213 -7.81 -19.60 -4.35
C VAL B 213 -7.20 -20.61 -5.37
N PRO B 214 -7.99 -21.03 -6.39
CA PRO B 214 -7.47 -21.98 -7.42
C PRO B 214 -6.10 -21.60 -8.01
N SER B 215 -5.93 -20.34 -8.42
CA SER B 215 -4.62 -19.88 -8.89
C SER B 215 -3.53 -20.07 -7.85
N ILE B 216 -3.86 -19.82 -6.58
CA ILE B 216 -2.83 -19.97 -5.56
C ILE B 216 -2.54 -21.45 -5.42
N ARG B 217 -3.59 -22.23 -5.25
CA ARG B 217 -3.44 -23.69 -5.19
C ARG B 217 -2.54 -24.21 -6.32
N GLN B 218 -2.73 -23.71 -7.53
CA GLN B 218 -1.91 -24.15 -8.64
C GLN B 218 -0.43 -23.84 -8.45
N ARG B 219 -0.11 -22.57 -8.20
CA ARG B 219 1.25 -22.13 -7.98
C ARG B 219 1.93 -22.95 -6.89
N LEU B 220 1.20 -23.22 -5.80
CA LEU B 220 1.77 -24.04 -4.73
C LEU B 220 2.03 -25.48 -5.13
N GLU B 221 1.16 -26.06 -5.96
CA GLU B 221 1.38 -27.43 -6.41
C GLU B 221 2.55 -27.47 -7.39
N ASN B 222 2.64 -26.47 -8.24
CA ASN B 222 3.82 -26.25 -9.07
C ASN B 222 5.13 -26.15 -8.33
N ASP B 223 5.15 -25.44 -7.21
CA ASP B 223 6.43 -25.14 -6.56
C ASP B 223 6.85 -26.30 -5.66
N LEU B 224 5.86 -26.97 -5.10
CA LEU B 224 6.08 -28.08 -4.23
C LEU B 224 5.69 -29.40 -4.93
N SER B 225 6.58 -29.90 -5.80
CA SER B 225 6.36 -31.14 -6.52
C SER B 225 6.09 -32.32 -5.63
N GLY B 226 4.96 -32.97 -5.86
CA GLY B 226 4.60 -34.16 -5.06
C GLY B 226 3.43 -33.86 -4.15
N VAL B 227 3.07 -32.58 -4.11
CA VAL B 227 2.09 -32.10 -3.17
C VAL B 227 0.78 -31.87 -3.87
N THR B 228 -0.31 -32.28 -3.24
CA THR B 228 -1.62 -32.01 -3.78
C THR B 228 -2.53 -31.36 -2.72
N LEU B 229 -3.12 -30.20 -3.03
CA LEU B 229 -3.81 -29.38 -2.02
C LEU B 229 -5.24 -29.08 -2.37
N THR B 230 -6.12 -29.04 -1.36
CA THR B 230 -7.47 -28.50 -1.62
C THR B 230 -7.47 -26.98 -1.49
N ASP B 231 -8.49 -26.33 -2.02
CA ASP B 231 -8.66 -24.93 -1.77
C ASP B 231 -8.64 -24.63 -0.27
N THR B 232 -9.29 -25.46 0.53
CA THR B 232 -9.42 -25.15 1.94
C THR B 232 -8.04 -25.19 2.57
N GLU B 233 -7.22 -26.15 2.16
CA GLU B 233 -5.90 -26.26 2.71
C GLU B 233 -5.07 -25.02 2.38
N VAL B 234 -5.29 -24.42 1.22
CA VAL B 234 -4.51 -23.25 0.88
C VAL B 234 -4.86 -22.15 1.88
N THR B 235 -6.15 -21.93 2.14
CA THR B 235 -6.47 -21.00 3.17
C THR B 235 -5.83 -21.37 4.57
N TYR B 236 -5.63 -22.64 4.89
CA TYR B 236 -4.90 -22.98 6.13
C TYR B 236 -3.48 -22.42 6.16
N LEU B 237 -2.73 -22.55 5.08
CA LEU B 237 -1.40 -21.98 5.01
C LEU B 237 -1.43 -20.45 4.98
N MET B 238 -2.57 -19.90 4.58
CA MET B 238 -2.73 -18.46 4.72
C MET B 238 -2.95 -18.05 6.20
N ASP B 239 -3.82 -18.77 6.89
CA ASP B 239 -4.06 -18.58 8.30
C ASP B 239 -2.72 -18.62 9.09
N MET B 240 -1.83 -19.54 8.74
CA MET B 240 -0.62 -19.76 9.51
C MET B 240 0.30 -18.55 9.45
N CYS B 241 0.14 -17.72 8.42
CA CYS B 241 0.92 -16.51 8.35
C CYS B 241 0.65 -15.57 9.57
N SER B 242 -0.59 -15.43 9.98
CA SER B 242 -0.91 -14.68 11.17
C SER B 242 -0.48 -15.46 12.43
N PHE B 243 -0.85 -16.73 12.53
CA PHE B 243 -0.66 -17.44 13.78
C PHE B 243 0.80 -17.76 14.03
N ASP B 244 1.60 -17.94 12.98
CA ASP B 244 3.05 -18.14 13.13
C ASP B 244 3.78 -16.80 13.36
N THR B 245 3.15 -15.69 13.02
CA THR B 245 3.80 -14.40 13.31
C THR B 245 3.63 -14.04 14.80
N ILE B 246 2.40 -14.11 15.28
CA ILE B 246 2.06 -13.49 16.53
C ILE B 246 1.99 -14.42 17.74
N SER B 247 2.46 -15.66 17.55
CA SER B 247 2.60 -16.67 18.59
C SER B 247 4.00 -16.72 19.16
N THR B 248 4.92 -16.04 18.52
CA THR B 248 6.31 -16.25 18.81
C THR B 248 6.90 -15.01 19.50
N SER B 249 8.12 -15.18 20.03
CA SER B 249 8.88 -14.08 20.64
C SER B 249 9.17 -12.98 19.62
N THR B 250 9.34 -13.37 18.34
CA THR B 250 9.68 -12.44 17.28
C THR B 250 8.49 -11.67 16.67
N VAL B 251 7.39 -11.51 17.41
CA VAL B 251 6.18 -10.85 16.88
C VAL B 251 6.51 -9.53 16.22
N ASP B 252 7.43 -8.78 16.85
CA ASP B 252 7.76 -7.39 16.51
C ASP B 252 8.85 -7.28 15.46
N THR B 253 9.65 -8.33 15.31
CA THR B 253 10.86 -8.23 14.47
C THR B 253 10.75 -8.96 13.12
N LYS B 254 10.09 -10.12 13.11
CA LYS B 254 9.99 -10.99 11.90
C LYS B 254 8.54 -11.37 11.57
N LEU B 255 8.18 -11.13 10.31
CA LEU B 255 6.95 -11.67 9.69
C LEU B 255 7.11 -13.17 9.44
N SER B 256 6.10 -13.97 9.74
CA SER B 256 6.19 -15.43 9.47
C SER B 256 6.64 -15.76 8.05
N PRO B 257 7.32 -16.92 7.86
CA PRO B 257 7.71 -17.26 6.47
C PRO B 257 6.50 -17.73 5.59
N PHE B 258 5.43 -18.22 6.23
CA PHE B 258 4.20 -18.48 5.50
C PHE B 258 3.75 -17.28 4.69
N CYS B 259 4.02 -16.08 5.21
CA CYS B 259 3.42 -14.86 4.64
C CYS B 259 3.93 -14.55 3.27
N ASP B 260 5.17 -14.93 3.05
CA ASP B 260 5.85 -14.62 1.80
C ASP B 260 5.52 -15.67 0.69
N LEU B 261 4.79 -16.73 1.04
CA LEU B 261 4.26 -17.63 0.02
C LEU B 261 3.12 -17.01 -0.79
N PHE B 262 2.63 -15.87 -0.34
CA PHE B 262 1.48 -15.25 -1.01
C PHE B 262 1.78 -13.80 -1.33
N THR B 263 1.17 -13.28 -2.39
CA THR B 263 1.42 -11.91 -2.78
C THR B 263 0.47 -10.97 -2.06
N HIS B 264 0.83 -9.68 -2.09
CA HIS B 264 0.03 -8.63 -1.51
C HIS B 264 -1.40 -8.71 -1.99
N ASP B 265 -1.55 -9.01 -3.28
CA ASP B 265 -2.85 -9.05 -3.88
C ASP B 265 -3.69 -10.22 -3.40
N GLU B 266 -3.04 -11.33 -3.12
CA GLU B 266 -3.67 -12.46 -2.51
C GLU B 266 -4.09 -12.14 -1.07
N TRP B 267 -3.22 -11.42 -0.34
CA TRP B 267 -3.58 -10.91 0.99
C TRP B 267 -4.83 -10.04 0.95
N ILE B 268 -4.94 -9.17 -0.04
CA ILE B 268 -6.14 -8.39 -0.24
C ILE B 268 -7.40 -9.25 -0.41
N ASN B 269 -7.32 -10.30 -1.22
CA ASN B 269 -8.44 -11.24 -1.33
C ASN B 269 -8.69 -11.98 -0.02
N TYR B 270 -7.64 -12.46 0.64
CA TYR B 270 -7.81 -13.07 1.99
C TYR B 270 -8.57 -12.15 2.95
N ASP B 271 -8.06 -10.93 3.06
CA ASP B 271 -8.68 -9.98 3.96
C ASP B 271 -10.13 -9.85 3.59
N TYR B 272 -10.44 -9.68 2.30
CA TYR B 272 -11.83 -9.51 1.92
C TYR B 272 -12.65 -10.73 2.19
N LEU B 273 -12.08 -11.92 1.92
CA LEU B 273 -12.76 -13.14 2.36
C LEU B 273 -13.20 -13.06 3.82
N GLN B 274 -12.27 -12.61 4.66
CA GLN B 274 -12.52 -12.48 6.10
C GLN B 274 -13.71 -11.53 6.40
N SER B 275 -13.75 -10.37 5.73
CA SER B 275 -14.87 -9.46 5.87
C SER B 275 -16.16 -10.14 5.45
N LEU B 276 -16.09 -10.96 4.37
CA LEU B 276 -17.30 -11.70 3.88
C LEU B 276 -17.85 -12.70 4.91
N LYS B 277 -16.96 -13.51 5.47
CA LYS B 277 -17.36 -14.44 6.49
C LYS B 277 -18.14 -13.73 7.63
N LYS B 278 -17.59 -12.60 8.11
CA LYS B 278 -18.20 -11.89 9.23
C LYS B 278 -19.48 -11.22 8.77
N TYR B 279 -19.44 -10.48 7.62
CA TYR B 279 -20.62 -9.82 7.10
C TYR B 279 -21.83 -10.69 6.87
N TYR B 280 -21.62 -11.82 6.18
CA TYR B 280 -22.70 -12.81 5.94
C TYR B 280 -22.91 -13.80 7.09
N GLY B 281 -21.91 -13.98 7.95
CA GLY B 281 -22.07 -14.83 9.13
C GLY B 281 -22.87 -14.18 10.25
N HIS B 282 -22.49 -12.96 10.64
CA HIS B 282 -23.02 -12.31 11.85
C HIS B 282 -23.44 -10.85 11.66
N GLY B 283 -23.03 -10.24 10.57
CA GLY B 283 -23.51 -8.87 10.20
C GLY B 283 -24.78 -8.76 9.40
N ALA B 284 -25.00 -7.57 8.84
CA ALA B 284 -26.23 -7.22 8.04
C ALA B 284 -26.55 -8.22 6.91
N GLY B 285 -25.51 -8.76 6.30
CA GLY B 285 -25.69 -9.81 5.35
C GLY B 285 -26.38 -11.08 5.78
N ASN B 286 -26.33 -11.43 7.07
CA ASN B 286 -27.13 -12.55 7.50
C ASN B 286 -28.51 -12.13 8.01
N PRO B 287 -29.56 -12.81 7.59
CA PRO B 287 -30.86 -12.24 7.99
C PRO B 287 -31.07 -12.13 9.50
N LEU B 288 -30.35 -12.93 10.29
CA LEU B 288 -30.55 -12.94 11.75
C LEU B 288 -29.31 -12.46 12.49
N GLY B 289 -28.37 -11.90 11.73
CA GLY B 289 -27.08 -11.46 12.26
C GLY B 289 -27.33 -10.30 13.23
N PRO B 290 -27.77 -9.17 12.71
CA PRO B 290 -27.94 -7.98 13.57
C PRO B 290 -28.87 -8.29 14.74
N THR B 291 -29.75 -9.25 14.52
CA THR B 291 -30.67 -9.68 15.57
C THR B 291 -29.91 -10.29 16.80
N GLN B 292 -28.75 -10.87 16.58
CA GLN B 292 -27.90 -11.38 17.65
C GLN B 292 -27.32 -10.23 18.54
N GLY B 293 -27.39 -8.99 18.07
CA GLY B 293 -26.83 -7.85 18.83
C GLY B 293 -27.86 -7.07 19.59
N VAL B 294 -29.12 -7.48 19.52
CA VAL B 294 -30.12 -6.61 20.07
C VAL B 294 -30.14 -6.60 21.61
N GLY B 295 -29.86 -7.74 22.23
CA GLY B 295 -29.73 -7.87 23.67
C GLY B 295 -28.73 -6.86 24.22
N TYR B 296 -27.53 -6.80 23.66
CA TYR B 296 -26.56 -5.92 24.12
C TYR B 296 -26.92 -4.45 23.85
N ALA B 297 -27.51 -4.18 22.68
CA ALA B 297 -27.98 -2.89 22.35
C ALA B 297 -29.05 -2.44 23.37
N ASN B 298 -29.92 -3.35 23.76
CA ASN B 298 -30.89 -2.91 24.73
C ASN B 298 -30.28 -2.69 26.12
N GLU B 299 -29.23 -3.45 26.45
CA GLU B 299 -28.42 -3.16 27.67
C GLU B 299 -27.72 -1.82 27.55
N LEU B 300 -27.10 -1.56 26.40
CA LEU B 300 -26.51 -0.27 26.19
C LEU B 300 -27.50 0.89 26.37
N ILE B 301 -28.75 0.72 25.94
CA ILE B 301 -29.76 1.76 26.04
C ILE B 301 -30.14 2.03 27.50
N ALA B 302 -30.33 0.98 28.27
CA ALA B 302 -30.54 1.07 29.74
C ALA B 302 -29.44 1.90 30.44
N ARG B 303 -28.20 1.59 30.09
CA ARG B 303 -27.04 2.31 30.58
C ARG B 303 -27.00 3.79 30.23
N LEU B 304 -27.33 4.13 28.98
CA LEU B 304 -27.29 5.48 28.51
C LEU B 304 -28.44 6.24 29.15
N THR B 305 -29.57 5.59 29.33
CA THR B 305 -30.73 6.26 29.92
C THR B 305 -30.94 6.02 31.41
N HIS B 306 -30.04 5.27 32.06
CA HIS B 306 -30.15 4.95 33.52
C HIS B 306 -31.53 4.44 33.87
N SER B 307 -32.01 3.49 33.06
CA SER B 307 -33.35 2.95 33.19
C SER B 307 -33.24 1.46 33.02
N PRO B 308 -34.21 0.70 33.54
CA PRO B 308 -34.29 -0.75 33.39
C PRO B 308 -34.24 -1.23 31.91
N VAL B 309 -33.54 -2.35 31.68
CA VAL B 309 -33.41 -3.01 30.37
C VAL B 309 -34.81 -3.42 29.91
N HIS B 310 -35.18 -3.01 28.69
CA HIS B 310 -36.36 -3.54 27.99
C HIS B 310 -35.87 -4.40 26.82
N ASP B 311 -35.91 -5.71 27.06
CA ASP B 311 -35.42 -6.71 26.11
C ASP B 311 -35.95 -8.06 26.41
N ASP B 312 -36.46 -8.74 25.40
CA ASP B 312 -36.78 -10.15 25.55
CA ASP B 312 -36.78 -10.16 25.57
C ASP B 312 -36.07 -11.02 24.51
N THR B 313 -34.82 -10.69 24.18
CA THR B 313 -34.07 -11.54 23.23
C THR B 313 -32.95 -12.36 23.91
N SER B 314 -31.72 -11.82 23.89
CA SER B 314 -30.59 -12.56 24.45
C SER B 314 -30.32 -12.17 25.90
N SER B 315 -31.04 -11.19 26.47
CA SER B 315 -30.71 -10.79 27.83
C SER B 315 -31.16 -11.81 28.91
N ASN B 316 -30.35 -11.93 29.95
CA ASN B 316 -30.74 -12.67 31.12
C ASN B 316 -31.37 -11.68 32.14
N HIS B 317 -32.67 -11.88 32.41
CA HIS B 317 -33.52 -11.08 33.25
C HIS B 317 -33.15 -11.22 34.75
N THR B 318 -32.63 -12.39 35.13
CA THR B 318 -32.18 -12.53 36.50
C THR B 318 -31.00 -11.58 36.72
N LEU B 319 -30.03 -11.65 35.81
CA LEU B 319 -28.87 -10.81 35.87
C LEU B 319 -29.22 -9.31 35.74
N ASP B 320 -30.16 -8.97 34.84
CA ASP B 320 -30.26 -7.60 34.45
C ASP B 320 -31.25 -6.83 35.34
N SER B 321 -32.10 -7.51 36.09
CA SER B 321 -33.07 -6.75 36.87
C SER B 321 -32.51 -6.43 38.30
N SER B 322 -31.28 -6.89 38.60
CA SER B 322 -30.61 -6.65 39.89
C SER B 322 -29.43 -5.69 39.78
N PRO B 323 -29.44 -4.61 40.60
CA PRO B 323 -28.40 -3.57 40.58
C PRO B 323 -26.98 -4.10 40.80
N ALA B 324 -26.86 -5.18 41.55
CA ALA B 324 -25.61 -5.94 41.76
C ALA B 324 -24.94 -6.46 40.51
N THR B 325 -25.74 -7.00 39.59
CA THR B 325 -25.23 -7.63 38.39
C THR B 325 -25.55 -6.81 37.12
N PHE B 326 -26.41 -5.80 37.26
CA PHE B 326 -26.60 -4.82 36.20
C PHE B 326 -26.88 -3.39 36.76
N PRO B 327 -25.82 -2.69 37.29
CA PRO B 327 -25.96 -1.38 37.87
C PRO B 327 -26.15 -0.31 36.80
N LEU B 328 -27.10 0.59 37.04
CA LEU B 328 -27.49 1.56 36.01
C LEU B 328 -26.73 2.87 35.97
N ASN B 329 -25.85 3.08 36.93
CA ASN B 329 -25.22 4.39 37.14
C ASN B 329 -23.77 4.34 37.48
N SER B 330 -22.98 3.51 36.81
CA SER B 330 -21.63 3.22 37.25
C SER B 330 -20.65 4.05 36.49
N THR B 331 -21.13 4.81 35.51
CA THR B 331 -20.33 5.71 34.69
C THR B 331 -19.33 5.05 33.74
N LEU B 332 -18.65 4.02 34.21
CA LEU B 332 -17.71 3.31 33.36
C LEU B 332 -18.05 1.86 33.34
N TYR B 333 -18.04 1.28 32.14
CA TYR B 333 -18.38 -0.14 31.95
C TYR B 333 -17.37 -0.77 30.99
N ALA B 334 -17.09 -2.05 31.18
CA ALA B 334 -16.18 -2.76 30.31
C ALA B 334 -16.80 -4.14 30.13
N ASP B 335 -16.87 -4.56 28.85
CA ASP B 335 -17.41 -5.88 28.49
C ASP B 335 -16.42 -6.56 27.57
N PHE B 336 -16.23 -7.87 27.76
CA PHE B 336 -15.25 -8.68 26.98
C PHE B 336 -15.94 -9.87 26.30
N SER B 337 -15.63 -10.06 25.01
CA SER B 337 -16.37 -11.09 24.23
C SER B 337 -15.57 -11.60 23.07
N HIS B 338 -16.29 -12.29 22.16
CA HIS B 338 -15.77 -12.88 20.93
C HIS B 338 -16.10 -11.95 19.72
N ASP B 339 -15.35 -12.08 18.63
CA ASP B 339 -15.59 -11.30 17.44
C ASP B 339 -16.99 -11.48 16.86
N ASN B 340 -17.58 -12.65 16.93
CA ASN B 340 -18.85 -12.87 16.23
C ASN B 340 -19.95 -12.06 16.91
N GLY B 341 -19.98 -12.10 18.23
CA GLY B 341 -20.97 -11.34 18.94
C GLY B 341 -20.74 -9.82 18.78
N ILE B 342 -19.48 -9.38 18.64
CA ILE B 342 -19.17 -7.96 18.54
C ILE B 342 -19.63 -7.46 17.14
N ILE B 343 -19.43 -8.31 16.11
CA ILE B 343 -19.97 -8.00 14.78
C ILE B 343 -21.45 -7.74 14.90
N SER B 344 -22.18 -8.67 15.50
CA SER B 344 -23.64 -8.51 15.54
C SER B 344 -24.06 -7.23 16.23
N ILE B 345 -23.30 -6.85 17.25
CA ILE B 345 -23.60 -5.67 18.06
C ILE B 345 -23.29 -4.38 17.32
N LEU B 346 -22.14 -4.33 16.65
CA LEU B 346 -21.82 -3.22 15.83
C LEU B 346 -23.03 -2.93 14.83
N PHE B 347 -23.52 -3.97 14.14
CA PHE B 347 -24.62 -3.84 13.21
C PHE B 347 -25.95 -3.51 13.86
N ALA B 348 -26.24 -4.11 15.01
CA ALA B 348 -27.49 -3.79 15.73
C ALA B 348 -27.49 -2.35 16.22
N LEU B 349 -26.31 -1.76 16.44
CA LEU B 349 -26.26 -0.37 16.89
C LEU B 349 -26.39 0.61 15.72
N GLY B 350 -26.52 0.06 14.50
CA GLY B 350 -26.66 0.89 13.32
C GLY B 350 -25.36 1.39 12.78
N LEU B 351 -24.23 0.98 13.34
CA LEU B 351 -22.94 1.64 13.01
C LEU B 351 -22.46 1.49 11.56
N TYR B 352 -23.03 0.55 10.84
CA TYR B 352 -22.57 0.31 9.48
C TYR B 352 -23.77 0.35 8.53
N ASN B 353 -24.68 1.29 8.83
CA ASN B 353 -25.86 1.46 8.02
C ASN B 353 -25.65 2.35 6.83
N GLY B 354 -24.42 2.78 6.63
CA GLY B 354 -24.02 3.34 5.35
C GLY B 354 -23.26 2.34 4.49
N THR B 355 -23.28 1.06 4.86
CA THR B 355 -22.47 0.07 4.17
C THR B 355 -23.40 -0.74 3.22
N LYS B 356 -23.12 -0.68 1.93
CA LYS B 356 -23.85 -1.51 0.97
C LYS B 356 -23.42 -2.98 1.06
N PRO B 357 -24.36 -3.94 1.00
CA PRO B 357 -24.05 -5.35 1.10
C PRO B 357 -22.81 -5.71 0.29
N LEU B 358 -21.91 -6.51 0.85
CA LEU B 358 -20.63 -6.74 0.23
C LEU B 358 -20.78 -7.68 -0.94
N SER B 359 -20.13 -7.31 -2.05
CA SER B 359 -20.08 -8.12 -3.26
C SER B 359 -19.48 -9.50 -2.95
N THR B 360 -20.13 -10.57 -3.34
CA THR B 360 -19.63 -11.93 -3.10
C THR B 360 -18.71 -12.47 -4.22
N THR B 361 -18.45 -11.65 -5.23
CA THR B 361 -17.65 -12.02 -6.42
C THR B 361 -16.35 -11.19 -6.56
N THR B 362 -16.43 -9.95 -6.08
CA THR B 362 -15.40 -8.95 -6.29
C THR B 362 -14.99 -8.22 -4.99
N VAL B 363 -13.69 -8.05 -4.81
CA VAL B 363 -13.09 -7.27 -3.75
C VAL B 363 -13.61 -5.83 -3.73
N GLU B 364 -13.99 -5.39 -2.54
CA GLU B 364 -14.32 -3.99 -2.32
C GLU B 364 -13.36 -3.38 -1.29
N ASN B 365 -12.69 -2.29 -1.66
CA ASN B 365 -11.89 -1.50 -0.73
C ASN B 365 -12.71 -0.82 0.40
N ILE B 366 -11.97 -0.18 1.31
CA ILE B 366 -12.52 0.26 2.58
C ILE B 366 -13.41 1.50 2.41
N THR B 367 -13.25 2.20 1.27
CA THR B 367 -14.17 3.30 0.84
C THR B 367 -15.51 2.75 0.35
N GLN B 368 -15.45 1.75 -0.53
CA GLN B 368 -16.66 1.11 -1.06
C GLN B 368 -17.49 0.55 0.07
N THR B 369 -16.82 -0.03 1.09
CA THR B 369 -17.57 -0.68 2.17
C THR B 369 -17.93 0.30 3.31
N ASP B 370 -17.64 1.59 3.05
CA ASP B 370 -17.83 2.68 4.02
C ASP B 370 -17.29 2.31 5.46
N GLY B 371 -16.05 1.85 5.58
CA GLY B 371 -15.41 1.65 6.88
C GLY B 371 -15.54 0.24 7.43
N PHE B 372 -16.40 -0.58 6.82
CA PHE B 372 -16.48 -1.98 7.27
C PHE B 372 -15.45 -2.93 6.71
N SER B 373 -14.74 -3.58 7.61
CA SER B 373 -13.97 -4.77 7.29
C SER B 373 -13.76 -5.51 8.62
N SER B 374 -13.38 -6.79 8.57
CA SER B 374 -13.12 -7.55 9.77
C SER B 374 -11.98 -6.94 10.54
N ALA B 375 -10.89 -6.68 9.81
CA ALA B 375 -9.66 -6.08 10.32
C ALA B 375 -9.89 -4.69 11.02
N TRP B 376 -10.83 -3.91 10.51
CA TRP B 376 -11.14 -2.62 11.06
C TRP B 376 -12.17 -2.63 12.20
N THR B 377 -12.84 -3.77 12.45
CA THR B 377 -13.88 -3.82 13.44
C THR B 377 -13.55 -4.84 14.54
N VAL B 378 -13.13 -6.06 14.18
CA VAL B 378 -12.87 -7.10 15.18
C VAL B 378 -11.55 -7.80 14.99
N PRO B 379 -10.45 -7.03 14.97
CA PRO B 379 -9.16 -7.68 15.02
C PRO B 379 -8.98 -8.24 16.42
N PHE B 380 -7.92 -9.00 16.63
CA PHE B 380 -7.59 -9.46 17.96
C PHE B 380 -7.51 -8.18 18.82
N ALA B 381 -8.04 -8.27 20.05
CA ALA B 381 -8.02 -7.18 21.04
C ALA B 381 -8.78 -5.94 20.54
N SER B 382 -9.72 -6.10 19.62
CA SER B 382 -10.51 -4.99 19.13
C SER B 382 -11.17 -4.29 20.30
N ARG B 383 -11.47 -3.01 20.10
CA ARG B 383 -12.26 -2.24 21.07
C ARG B 383 -13.24 -1.29 20.40
N LEU B 384 -14.42 -1.23 21.02
CA LEU B 384 -15.45 -0.27 20.76
C LEU B 384 -15.65 0.63 22.03
N TYR B 385 -15.56 1.94 21.87
CA TYR B 385 -15.88 2.86 22.95
C TYR B 385 -17.18 3.58 22.62
N VAL B 386 -18.12 3.52 23.58
CA VAL B 386 -19.27 4.39 23.51
C VAL B 386 -19.17 5.51 24.60
N GLU B 387 -19.12 6.76 24.15
CA GLU B 387 -19.07 7.94 25.03
C GLU B 387 -20.36 8.68 25.01
N MET B 388 -20.63 9.26 26.15
CA MET B 388 -21.64 10.27 26.30
C MET B 388 -20.86 11.50 26.84
N MET B 389 -21.22 12.68 26.40
CA MET B 389 -20.49 13.87 26.76
C MET B 389 -21.47 14.97 26.91
N GLN B 390 -21.08 15.99 27.66
CA GLN B 390 -21.94 17.12 27.94
C GLN B 390 -21.23 18.35 27.44
N CYS B 391 -21.92 19.14 26.66
CA CYS B 391 -21.26 20.26 26.04
C CYS B 391 -21.88 21.59 26.41
N GLN B 392 -21.12 22.65 26.11
CA GLN B 392 -21.47 24.03 26.44
C GLN B 392 -22.83 24.44 25.87
N ALA B 393 -22.93 24.39 24.53
CA ALA B 393 -24.11 24.95 23.84
C ALA B 393 -25.38 24.07 23.82
N GLU B 394 -25.31 22.87 24.43
CA GLU B 394 -26.38 21.86 24.34
C GLU B 394 -26.79 21.32 25.74
N GLN B 395 -28.08 21.24 26.01
CA GLN B 395 -28.56 20.79 27.31
C GLN B 395 -28.54 19.29 27.38
N GLU B 396 -28.64 18.63 26.23
CA GLU B 396 -28.68 17.18 26.20
C GLU B 396 -27.32 16.51 26.09
N PRO B 397 -27.21 15.30 26.65
CA PRO B 397 -25.97 14.58 26.42
C PRO B 397 -25.86 14.17 24.96
N LEU B 398 -24.66 14.17 24.44
CA LEU B 398 -24.34 13.76 23.09
C LEU B 398 -23.57 12.44 23.11
N VAL B 399 -24.05 11.45 22.34
CA VAL B 399 -23.42 10.10 22.24
C VAL B 399 -22.37 10.09 21.13
N ARG B 400 -21.26 9.45 21.36
CA ARG B 400 -20.27 9.33 20.31
C ARG B 400 -19.70 7.92 20.38
N VAL B 401 -19.34 7.37 19.22
CA VAL B 401 -18.83 6.00 19.15
C VAL B 401 -17.46 5.90 18.47
N LEU B 402 -16.51 5.20 19.09
CA LEU B 402 -15.25 4.93 18.39
C LEU B 402 -15.04 3.41 18.21
N VAL B 403 -14.64 3.01 17.01
CA VAL B 403 -14.34 1.61 16.68
C VAL B 403 -12.86 1.53 16.31
N ASN B 404 -12.12 0.92 17.24
CA ASN B 404 -10.68 0.83 17.11
C ASN B 404 -10.01 2.17 16.85
N ASP B 405 -10.52 3.20 17.54
CA ASP B 405 -9.96 4.58 17.57
C ASP B 405 -10.39 5.45 16.42
N ARG B 406 -11.25 4.90 15.56
CA ARG B 406 -11.92 5.65 14.51
C ARG B 406 -13.30 6.14 14.96
N VAL B 407 -13.52 7.44 14.82
CA VAL B 407 -14.84 7.94 15.11
C VAL B 407 -15.74 7.43 13.98
N VAL B 408 -16.88 6.82 14.31
CA VAL B 408 -17.82 6.29 13.32
C VAL B 408 -19.14 6.99 13.52
N PRO B 409 -19.55 7.81 12.55
CA PRO B 409 -20.72 8.63 12.66
C PRO B 409 -21.95 7.79 12.94
N LEU B 410 -22.79 8.21 13.87
CA LEU B 410 -23.97 7.42 14.16
C LEU B 410 -24.97 7.49 12.97
N HIS B 411 -25.81 6.44 12.86
CA HIS B 411 -26.95 6.34 11.94
C HIS B 411 -28.29 6.22 12.75
N GLY B 412 -29.39 6.66 12.14
CA GLY B 412 -30.73 6.50 12.72
C GLY B 412 -31.17 7.77 13.43
N CYS B 413 -30.32 8.80 13.36
CA CYS B 413 -30.52 10.01 14.20
C CYS B 413 -29.84 11.19 13.51
N PRO B 414 -30.22 12.43 13.86
CA PRO B 414 -29.53 13.54 13.13
C PRO B 414 -28.12 13.75 13.62
N VAL B 415 -27.14 13.14 12.95
CA VAL B 415 -25.73 13.31 13.30
C VAL B 415 -25.17 14.64 12.95
N ASP B 416 -24.35 15.16 13.86
CA ASP B 416 -23.63 16.41 13.65
C ASP B 416 -22.30 16.11 12.98
N ALA B 417 -21.52 17.14 12.65
CA ALA B 417 -20.33 16.93 11.85
C ALA B 417 -19.21 16.34 12.69
N LEU B 418 -19.47 16.15 13.97
CA LEU B 418 -18.46 15.48 14.80
C LEU B 418 -18.81 14.00 15.07
N GLY B 419 -19.86 13.49 14.42
CA GLY B 419 -20.20 12.10 14.52
C GLY B 419 -21.27 11.78 15.52
N ARG B 420 -21.86 12.79 16.18
CA ARG B 420 -22.65 12.56 17.40
C ARG B 420 -24.12 12.83 17.22
N CYS B 421 -24.93 12.27 18.08
CA CYS B 421 -26.35 12.62 18.11
C CYS B 421 -26.70 12.78 19.54
N THR B 422 -27.74 13.54 19.83
CA THR B 422 -28.22 13.57 21.20
C THR B 422 -28.64 12.16 21.63
N ARG B 423 -28.44 11.86 22.90
CA ARG B 423 -28.85 10.62 23.51
C ARG B 423 -30.28 10.21 23.17
N ASP B 424 -31.20 11.15 23.33
CA ASP B 424 -32.62 10.86 23.11
C ASP B 424 -32.90 10.47 21.66
N SER B 425 -32.27 11.19 20.73
CA SER B 425 -32.44 10.90 19.29
C SER B 425 -31.70 9.59 18.90
N PHE B 426 -30.54 9.33 19.47
CA PHE B 426 -29.85 8.08 19.28
C PHE B 426 -30.68 6.88 19.74
N VAL B 427 -31.26 6.95 20.93
CA VAL B 427 -32.04 5.84 21.45
C VAL B 427 -33.30 5.62 20.62
N ARG B 428 -34.00 6.68 20.32
CA ARG B 428 -35.10 6.60 19.38
C ARG B 428 -34.69 5.98 18.02
N GLY B 429 -33.56 6.37 17.43
CA GLY B 429 -33.07 5.66 16.21
C GLY B 429 -32.93 4.12 16.30
N LEU B 430 -32.71 3.60 17.51
CA LEU B 430 -32.46 2.18 17.73
C LEU B 430 -33.75 1.41 17.89
N SER B 431 -34.76 1.82 17.12
CA SER B 431 -36.08 1.14 17.07
C SER B 431 -35.98 -0.30 16.67
N PHE B 432 -34.95 -0.71 15.90
CA PHE B 432 -34.79 -2.11 15.53
C PHE B 432 -34.51 -2.89 16.80
N ALA B 433 -33.46 -2.52 17.54
CA ALA B 433 -33.19 -3.22 18.82
C ALA B 433 -34.38 -3.02 19.80
N ARG B 434 -34.95 -1.81 19.88
CA ARG B 434 -36.02 -1.62 20.91
C ARG B 434 -37.21 -2.58 20.70
N SER B 435 -37.50 -2.89 19.44
CA SER B 435 -38.69 -3.73 19.10
C SER B 435 -38.36 -5.20 19.18
N GLY B 436 -37.12 -5.51 19.53
CA GLY B 436 -36.68 -6.92 19.58
C GLY B 436 -36.06 -7.46 18.29
N GLY B 437 -35.73 -6.57 17.33
CA GLY B 437 -35.35 -6.95 15.96
C GLY B 437 -36.15 -8.14 15.48
N ASP B 438 -35.48 -9.17 14.93
CA ASP B 438 -36.20 -10.29 14.28
C ASP B 438 -36.08 -11.50 15.14
N TRP B 439 -35.98 -11.27 16.44
CA TRP B 439 -35.80 -12.38 17.38
C TRP B 439 -36.95 -13.41 17.33
N ALA B 440 -38.17 -12.96 17.02
CA ALA B 440 -39.33 -13.87 16.91
C ALA B 440 -39.10 -14.96 15.85
N GLU B 441 -38.25 -14.68 14.87
CA GLU B 441 -37.93 -15.60 13.77
C GLU B 441 -36.84 -16.60 14.13
N CYS B 442 -36.32 -16.53 15.34
CA CYS B 442 -35.39 -17.54 15.84
C CYS B 442 -36.02 -18.93 15.95
N PHE B 443 -37.34 -19.00 15.91
CA PHE B 443 -38.04 -20.22 16.27
C PHE B 443 -39.00 -20.75 15.22
N ALA B 444 -38.97 -22.03 14.89
CA ALA B 444 -39.98 -22.49 13.91
C ALA B 444 -41.36 -22.68 14.59
#